data_9M38
#
_entry.id   9M38
#
_cell.length_a   1.00
_cell.length_b   1.00
_cell.length_c   1.00
_cell.angle_alpha   90.00
_cell.angle_beta   90.00
_cell.angle_gamma   90.00
#
_symmetry.space_group_name_H-M   'P 1'
#
_entity_poly.entity_id   1
_entity_poly.type   'polypeptide(L)'
_entity_poly.pdbx_seq_one_letter_code
;MKKQKSKKTVSKTSGLKEALSVQGTVIMTSFGKGNMANLSYKIPSSQKPQNLNSSAGLKNVEVSGKKIKFQGRHPKIATT
DNPLFKPQPGMDLLCLKDKLEMHYFGKTFDDNIHIQLIYQILDIEKILAVHVNNIVFTLDNVLHPQKEELTEDFIGAGGW
RINLDYQTLRGQTNKYDRFKNYIKRKELLYFGEAFYHENERRYEEDIFAILTLLSALAQFCFASDLSSDESDHVNSFWLY
QLEDQLSDEFKETLSILWEEVTERIDSEFLKTNTVNLHILCHVFPKESKETIVRAYYEFLIKKSFKNMGFSIKKLREIML
EQSDLKSFKEDKYNSVRAKLYKLFDFIITYYYDHHAFEKEALVSSLRSSLTEENKEEIYIKTARTLASALGADFKKAAAD
VNAKNIRDYQKKANDYRISFEDIKIGNTGIGYFSELIYMLTLLLDGKEINDLLTTLINKFDNIISFIDILKKLNLEFKFK
PEYADFFNMTNCRYTLEELRVINSIARMQKPSADARKIMYRDALRILGMDNRPDEEIDRELERTMPVGADGKFIKGKQGF
RNFIASNVIESSRFHYLVRYNNPHKTRTLVKNPNVVKFVLEGIPETQIKRYFDVCKGQEIPPTSDKSAQIDVLARIISSV
DYKIFEDVPQSAKINKDDPSRNFSDALKKQRYQAIVSLYLTVMYLITKNLVYVNSRYVIAFHCLERDAFLHGVTLPKMNK
KIVYSQLTTHLLTDKNYTTYGHLKNQKGHRKWYVLVKNNLQNSDITAVSSFANIVAAISVVRNSNEYISGIGELHSYFEL
YHYLVQSMIAKNNWYDTSHQPKTAEYLNNLKKHHTYCKDFVKAYCIPFGYVVPRYKNLTINELFDRNNPNPEPKEEV
;
_entity_poly.pdbx_strand_id   A
#
# COMPACT_ATOMS: atom_id res chain seq x y z
N ASP A 92 -23.11 10.05 -20.46
CA ASP A 92 -21.72 10.47 -20.28
C ASP A 92 -21.02 10.64 -21.63
N LEU A 93 -19.84 11.26 -21.59
CA LEU A 93 -19.11 11.51 -22.83
C LEU A 93 -18.68 10.20 -23.49
N LEU A 94 -18.23 9.23 -22.70
CA LEU A 94 -17.81 7.95 -23.23
C LEU A 94 -18.99 7.11 -23.74
N CYS A 95 -20.22 7.53 -23.44
CA CYS A 95 -21.42 6.78 -23.83
C CYS A 95 -21.44 5.39 -23.22
N LEU A 96 -20.79 5.23 -22.06
CA LEU A 96 -20.76 3.97 -21.34
C LEU A 96 -21.65 3.98 -20.11
N LYS A 97 -22.42 5.05 -19.91
CA LYS A 97 -23.38 5.07 -18.80
C LYS A 97 -24.43 3.99 -18.98
N ASP A 98 -24.99 3.87 -20.19
CA ASP A 98 -26.06 2.92 -20.43
C ASP A 98 -25.58 1.49 -20.26
N LYS A 99 -24.42 1.16 -20.82
CA LYS A 99 -23.89 -0.19 -20.72
C LYS A 99 -23.61 -0.56 -19.27
N LEU A 100 -22.97 0.35 -18.53
CA LEU A 100 -22.63 0.05 -17.14
C LEU A 100 -23.88 -0.08 -16.28
N GLU A 101 -24.88 0.78 -16.49
CA GLU A 101 -26.10 0.69 -15.71
C GLU A 101 -26.89 -0.58 -16.04
N MET A 102 -26.90 -1.00 -17.30
CA MET A 102 -27.50 -2.27 -17.62
C MET A 102 -26.75 -3.42 -16.97
N HIS A 103 -25.41 -3.33 -16.91
CA HIS A 103 -24.60 -4.38 -16.34
C HIS A 103 -24.67 -4.44 -14.83
N TYR A 104 -25.07 -3.34 -14.17
CA TYR A 104 -25.06 -3.30 -12.71
C TYR A 104 -26.45 -3.19 -12.08
N PHE A 105 -27.42 -2.59 -12.76
CA PHE A 105 -28.76 -2.42 -12.18
C PHE A 105 -29.85 -3.16 -12.96
N GLY A 106 -29.93 -2.96 -14.27
CA GLY A 106 -30.92 -3.67 -15.06
C GLY A 106 -31.68 -2.79 -16.03
N LYS A 107 -31.61 -1.47 -15.87
CA LYS A 107 -32.33 -0.57 -16.74
C LYS A 107 -31.63 0.78 -16.78
N THR A 108 -31.96 1.56 -17.81
CA THR A 108 -31.40 2.89 -17.97
C THR A 108 -32.01 3.85 -16.94
N PHE A 109 -31.17 4.75 -16.42
CA PHE A 109 -31.54 5.65 -15.34
C PHE A 109 -31.32 7.09 -15.78
N ASP A 110 -32.32 7.93 -15.57
CA ASP A 110 -32.26 9.33 -15.98
C ASP A 110 -31.83 10.25 -14.84
N ASP A 111 -30.69 9.96 -14.21
CA ASP A 111 -30.15 10.81 -13.17
C ASP A 111 -28.64 10.78 -13.22
N ASN A 112 -28.01 11.38 -12.22
CA ASN A 112 -26.56 11.52 -12.16
C ASN A 112 -26.05 11.19 -10.77
N ILE A 113 -26.50 10.07 -10.21
CA ILE A 113 -26.03 9.64 -8.89
C ILE A 113 -25.47 8.23 -8.96
N HIS A 114 -25.93 7.43 -9.93
CA HIS A 114 -25.53 6.03 -9.99
C HIS A 114 -24.17 5.84 -10.63
N ILE A 115 -23.82 6.69 -11.60
CA ILE A 115 -22.54 6.56 -12.29
C ILE A 115 -21.39 6.72 -11.30
N GLN A 116 -21.54 7.60 -10.31
CA GLN A 116 -20.48 7.76 -9.31
C GLN A 116 -20.33 6.52 -8.46
N LEU A 117 -21.45 5.86 -8.11
CA LEU A 117 -21.39 4.63 -7.34
C LEU A 117 -20.64 3.54 -8.09
N ILE A 118 -21.00 3.33 -9.36
CA ILE A 118 -20.29 2.30 -10.11
C ILE A 118 -18.82 2.68 -10.32
N TYR A 119 -18.52 3.98 -10.39
CA TYR A 119 -17.13 4.39 -10.48
C TYR A 119 -16.35 4.03 -9.22
N GLN A 120 -16.98 4.18 -8.05
CA GLN A 120 -16.33 3.74 -6.82
C GLN A 120 -16.03 2.25 -6.86
N ILE A 121 -16.98 1.45 -7.36
CA ILE A 121 -16.74 0.01 -7.49
C ILE A 121 -15.52 -0.25 -8.37
N LEU A 122 -15.46 0.42 -9.52
CA LEU A 122 -14.34 0.22 -10.43
C LEU A 122 -13.02 0.62 -9.78
N ASP A 123 -13.03 1.68 -8.97
CA ASP A 123 -11.81 2.10 -8.29
C ASP A 123 -11.30 1.03 -7.33
N ILE A 124 -12.23 0.41 -6.58
CA ILE A 124 -11.85 -0.70 -5.70
C ILE A 124 -11.15 -1.79 -6.51
N GLU A 125 -11.77 -2.18 -7.63
CA GLU A 125 -11.17 -3.25 -8.43
C GLU A 125 -9.79 -2.87 -8.93
N LYS A 126 -9.61 -1.62 -9.37
CA LYS A 126 -8.33 -1.18 -9.91
C LYS A 126 -7.21 -1.28 -8.88
N ILE A 127 -7.47 -0.78 -7.66
CA ILE A 127 -6.39 -0.83 -6.66
C ILE A 127 -6.07 -2.27 -6.26
N LEU A 128 -7.10 -3.12 -6.17
CA LEU A 128 -6.82 -4.52 -5.89
C LEU A 128 -5.94 -5.12 -6.99
N ALA A 129 -6.22 -4.80 -8.25
CA ALA A 129 -5.42 -5.34 -9.34
C ALA A 129 -3.96 -4.92 -9.23
N VAL A 130 -3.73 -3.63 -8.95
CA VAL A 130 -2.37 -3.14 -8.85
C VAL A 130 -1.60 -3.88 -7.77
N HIS A 131 -2.19 -3.98 -6.57
CA HIS A 131 -1.44 -4.57 -5.46
C HIS A 131 -1.24 -6.07 -5.66
N VAL A 132 -2.21 -6.76 -6.24
CA VAL A 132 -2.04 -8.18 -6.50
C VAL A 132 -0.92 -8.41 -7.51
N ASN A 133 -0.84 -7.59 -8.55
CA ASN A 133 0.26 -7.71 -9.50
C ASN A 133 1.61 -7.53 -8.81
N ASN A 134 1.71 -6.52 -7.94
CA ASN A 134 2.98 -6.31 -7.24
C ASN A 134 3.35 -7.51 -6.38
N ILE A 135 2.37 -8.08 -5.67
CA ILE A 135 2.67 -9.22 -4.80
C ILE A 135 3.12 -10.42 -5.61
N VAL A 136 2.46 -10.68 -6.75
CA VAL A 136 2.85 -11.82 -7.58
C VAL A 136 4.26 -11.65 -8.11
N PHE A 137 4.62 -10.43 -8.55
CA PHE A 137 5.99 -10.22 -9.01
C PHE A 137 6.99 -10.41 -7.87
N THR A 138 6.66 -9.95 -6.66
CA THR A 138 7.55 -10.14 -5.53
C THR A 138 7.81 -11.62 -5.29
N LEU A 139 6.74 -12.43 -5.31
CA LEU A 139 6.91 -13.86 -5.13
C LEU A 139 7.73 -14.48 -6.24
N ASP A 140 7.52 -14.03 -7.48
CA ASP A 140 8.28 -14.58 -8.59
C ASP A 140 9.75 -14.17 -8.55
N ASN A 141 10.06 -13.06 -7.87
CA ASN A 141 11.44 -12.57 -7.83
C ASN A 141 12.22 -13.16 -6.67
N VAL A 142 11.62 -13.26 -5.48
CA VAL A 142 12.37 -13.76 -4.33
C VAL A 142 12.79 -15.21 -4.57
N LEU A 143 11.89 -16.02 -5.11
CA LEU A 143 12.19 -17.40 -5.44
C LEU A 143 12.26 -17.54 -6.95
N HIS A 144 13.38 -18.06 -7.44
CA HIS A 144 13.50 -18.35 -8.86
C HIS A 144 12.85 -19.70 -9.15
N PRO A 145 11.79 -19.74 -9.98
CA PRO A 145 11.11 -21.00 -10.29
C PRO A 145 11.96 -21.94 -11.13
N TRP A 160 -1.57 -21.90 -11.98
CA TRP A 160 -2.22 -22.49 -10.82
C TRP A 160 -3.73 -22.60 -11.03
N ARG A 161 -4.19 -23.82 -11.33
CA ARG A 161 -5.63 -24.03 -11.46
C ARG A 161 -6.30 -23.94 -10.10
N ILE A 162 -7.35 -23.12 -10.01
CA ILE A 162 -8.00 -22.89 -8.73
C ILE A 162 -8.73 -24.14 -8.27
N ASN A 163 -9.32 -24.88 -9.19
CA ASN A 163 -10.17 -26.02 -8.87
C ASN A 163 -9.39 -27.23 -8.39
N LEU A 164 -8.09 -27.09 -8.12
CA LEU A 164 -7.29 -28.20 -7.65
C LEU A 164 -7.34 -28.24 -6.13
N ASP A 165 -8.25 -29.05 -5.59
CA ASP A 165 -8.21 -29.34 -4.17
C ASP A 165 -6.94 -30.09 -3.83
N TYR A 166 -6.42 -29.86 -2.63
CA TYR A 166 -5.11 -30.42 -2.28
C TYR A 166 -5.11 -31.94 -2.29
N GLN A 167 -6.27 -32.55 -2.03
CA GLN A 167 -6.33 -34.01 -2.05
C GLN A 167 -6.11 -34.57 -3.45
N THR A 168 -6.69 -33.92 -4.46
CA THR A 168 -6.54 -34.41 -5.84
C THR A 168 -5.09 -34.32 -6.30
N LEU A 169 -4.44 -33.19 -6.03
CA LEU A 169 -3.03 -33.01 -6.35
C LEU A 169 -2.13 -33.84 -5.47
N ARG A 170 -2.63 -34.33 -4.34
CA ARG A 170 -1.83 -35.15 -3.44
C ARG A 170 -1.48 -36.50 -4.06
N GLY A 171 -2.44 -37.12 -4.75
CA GLY A 171 -2.18 -38.43 -5.34
C GLY A 171 -1.15 -38.39 -6.45
N GLN A 172 -1.20 -37.34 -7.28
CA GLN A 172 -0.23 -37.20 -8.36
C GLN A 172 1.18 -37.17 -7.81
N THR A 173 2.08 -37.87 -8.50
CA THR A 173 3.47 -37.96 -8.02
C THR A 173 4.34 -36.89 -8.69
N ASN A 174 4.46 -36.95 -10.02
CA ASN A 174 5.41 -36.09 -10.71
C ASN A 174 5.03 -34.62 -10.58
N LYS A 175 3.75 -34.31 -10.69
CA LYS A 175 3.31 -32.92 -10.58
C LYS A 175 3.53 -32.37 -9.18
N TYR A 176 3.29 -33.18 -8.15
CA TYR A 176 3.39 -32.73 -6.76
C TYR A 176 4.82 -32.53 -6.28
N ASP A 177 5.78 -33.27 -6.83
CA ASP A 177 7.15 -33.14 -6.37
C ASP A 177 7.73 -31.77 -6.72
N ARG A 178 7.25 -31.17 -7.81
CA ARG A 178 7.74 -29.85 -8.20
C ARG A 178 7.34 -28.78 -7.20
N PHE A 179 6.29 -29.04 -6.42
CA PHE A 179 5.82 -28.08 -5.42
C PHE A 179 6.50 -28.29 -4.08
N LYS A 180 6.95 -29.51 -3.80
CA LYS A 180 7.58 -29.80 -2.51
C LYS A 180 8.92 -29.08 -2.36
N ASN A 181 9.72 -29.04 -3.42
CA ASN A 181 11.00 -28.37 -3.31
C ASN A 181 10.84 -26.85 -3.33
N TYR A 182 9.83 -26.36 -4.05
CA TYR A 182 9.58 -24.92 -4.10
C TYR A 182 9.23 -24.38 -2.72
N ILE A 183 8.32 -25.07 -2.01
CA ILE A 183 7.91 -24.65 -0.69
C ILE A 183 9.04 -24.82 0.31
N LYS A 184 10.03 -25.66 -0.02
CA LYS A 184 11.18 -25.91 0.83
C LYS A 184 12.22 -24.81 0.76
N ARG A 185 12.12 -23.90 -0.20
CA ARG A 185 13.14 -22.88 -0.38
C ARG A 185 13.27 -22.01 0.86
N LYS A 186 14.50 -21.65 1.20
CA LYS A 186 14.78 -20.94 2.44
C LYS A 186 14.53 -19.44 2.33
N GLU A 187 14.39 -18.90 1.12
CA GLU A 187 14.17 -17.46 0.97
C GLU A 187 12.73 -17.06 1.28
N LEU A 188 11.89 -17.99 1.70
CA LEU A 188 10.52 -17.67 2.07
C LEU A 188 10.43 -16.91 3.39
N LEU A 189 11.54 -16.79 4.12
CA LEU A 189 11.54 -16.08 5.38
C LEU A 189 11.44 -14.57 5.20
N TYR A 190 11.74 -14.05 4.01
CA TYR A 190 11.69 -12.61 3.81
C TYR A 190 10.28 -12.07 4.05
N PHE A 191 9.27 -12.79 3.58
CA PHE A 191 7.90 -12.49 3.94
C PHE A 191 7.68 -12.92 5.38
N GLY A 192 7.26 -11.99 6.22
CA GLY A 192 7.36 -12.17 7.65
C GLY A 192 6.50 -13.25 8.26
N GLU A 193 5.20 -13.03 8.30
CA GLU A 193 4.27 -13.92 8.99
C GLU A 193 3.36 -14.66 8.02
N ALA A 194 3.53 -14.44 6.71
CA ALA A 194 2.67 -15.10 5.73
C ALA A 194 2.95 -16.59 5.65
N PHE A 195 4.21 -16.99 5.82
CA PHE A 195 4.60 -18.38 5.68
C PHE A 195 5.19 -18.99 6.94
N TYR A 196 5.65 -18.19 7.90
CA TYR A 196 6.33 -18.70 9.08
C TYR A 196 5.69 -18.14 10.34
N HIS A 197 5.55 -19.00 11.36
CA HIS A 197 4.87 -18.67 12.61
C HIS A 197 5.69 -19.18 13.78
N GLU A 198 6.14 -18.26 14.63
CA GLU A 198 6.87 -18.59 15.85
C GLU A 198 8.02 -19.54 15.56
N ASN A 199 8.84 -19.16 14.57
CA ASN A 199 10.01 -19.94 14.16
C ASN A 199 9.63 -21.38 13.78
N GLU A 200 8.45 -21.55 13.19
CA GLU A 200 8.01 -22.86 12.71
C GLU A 200 7.22 -22.66 11.42
N ARG A 201 7.48 -23.52 10.43
CA ARG A 201 6.85 -23.37 9.13
C ARG A 201 5.37 -23.74 9.20
N ARG A 202 4.55 -23.01 8.45
CA ARG A 202 3.13 -23.30 8.35
C ARG A 202 2.93 -24.65 7.69
N TYR A 203 1.80 -25.29 7.99
CA TYR A 203 1.51 -26.57 7.35
C TYR A 203 1.35 -26.38 5.85
N GLU A 204 1.50 -27.49 5.13
CA GLU A 204 1.49 -27.44 3.66
C GLU A 204 0.15 -26.94 3.13
N GLU A 205 -0.94 -27.38 3.73
CA GLU A 205 -2.28 -27.07 3.24
C GLU A 205 -2.67 -25.61 3.49
N ASP A 206 -1.96 -24.88 4.34
CA ASP A 206 -2.18 -23.45 4.51
C ASP A 206 -1.43 -22.63 3.49
N ILE A 207 -0.18 -22.99 3.20
CA ILE A 207 0.56 -22.32 2.14
C ILE A 207 -0.11 -22.57 0.80
N PHE A 208 -0.61 -23.78 0.58
CA PHE A 208 -1.36 -24.07 -0.63
C PHE A 208 -2.58 -23.17 -0.74
N ALA A 209 -3.29 -22.97 0.37
CA ALA A 209 -4.48 -22.11 0.36
C ALA A 209 -4.11 -20.67 0.03
N ILE A 210 -3.06 -20.14 0.66
CA ILE A 210 -2.68 -18.75 0.42
C ILE A 210 -2.27 -18.56 -1.04
N LEU A 211 -1.46 -19.47 -1.57
CA LEU A 211 -1.02 -19.35 -2.95
C LEU A 211 -2.18 -19.44 -3.93
N THR A 212 -3.09 -20.39 -3.70
CA THR A 212 -4.22 -20.55 -4.61
C THR A 212 -5.14 -19.34 -4.56
N LEU A 213 -5.35 -18.78 -3.36
CA LEU A 213 -6.17 -17.59 -3.25
C LEU A 213 -5.53 -16.40 -3.98
N LEU A 214 -4.21 -16.26 -3.85
CA LEU A 214 -3.51 -15.20 -4.57
C LEU A 214 -3.70 -15.34 -6.07
N SER A 215 -3.53 -16.57 -6.57
CA SER A 215 -3.69 -16.78 -8.01
C SER A 215 -5.12 -16.51 -8.45
N ALA A 216 -6.11 -16.91 -7.64
CA ALA A 216 -7.50 -16.67 -8.01
C ALA A 216 -7.81 -15.19 -8.06
N LEU A 217 -7.31 -14.42 -7.08
CA LEU A 217 -7.53 -12.98 -7.10
C LEU A 217 -6.84 -12.33 -8.30
N ALA A 218 -5.63 -12.79 -8.63
CA ALA A 218 -4.94 -12.26 -9.80
C ALA A 218 -5.71 -12.53 -11.07
N GLN A 219 -6.25 -13.74 -11.20
CA GLN A 219 -7.05 -14.07 -12.38
C GLN A 219 -8.31 -13.24 -12.44
N PHE A 220 -8.94 -13.00 -11.29
CA PHE A 220 -10.18 -12.22 -11.27
C PHE A 220 -9.93 -10.78 -11.67
N CYS A 221 -8.88 -10.15 -11.13
CA CYS A 221 -8.67 -8.73 -11.36
C CYS A 221 -8.28 -8.43 -12.80
N PHE A 222 -7.42 -9.25 -13.40
CA PHE A 222 -6.93 -9.02 -14.75
C PHE A 222 -7.98 -9.48 -15.76
N ALA A 223 -9.12 -8.79 -15.72
CA ALA A 223 -10.24 -9.09 -16.61
C ALA A 223 -11.13 -7.87 -16.81
N HIS A 233 -11.02 -21.79 -14.44
CA HIS A 233 -11.50 -20.42 -14.61
C HIS A 233 -12.44 -20.03 -13.47
N VAL A 234 -12.53 -18.72 -13.21
CA VAL A 234 -13.41 -18.19 -12.18
C VAL A 234 -14.44 -17.28 -12.82
N ASN A 235 -15.61 -17.20 -12.19
CA ASN A 235 -16.68 -16.35 -12.71
C ASN A 235 -16.32 -14.88 -12.51
N SER A 236 -17.03 -14.02 -13.23
CA SER A 236 -16.84 -12.58 -13.07
C SER A 236 -17.33 -12.07 -11.72
N PHE A 237 -18.12 -12.86 -10.98
CA PHE A 237 -18.65 -12.46 -9.68
C PHE A 237 -18.01 -13.25 -8.55
N TRP A 238 -16.72 -13.55 -8.66
CA TRP A 238 -16.06 -14.34 -7.63
C TRP A 238 -15.93 -13.58 -6.33
N LEU A 239 -15.43 -12.34 -6.38
CA LEU A 239 -15.14 -11.60 -5.16
C LEU A 239 -16.40 -11.21 -4.42
N TYR A 240 -17.45 -10.86 -5.14
CA TYR A 240 -18.63 -10.28 -4.52
C TYR A 240 -19.52 -11.32 -3.85
N GLN A 241 -19.35 -12.60 -4.18
CA GLN A 241 -20.07 -13.67 -3.51
C GLN A 241 -19.08 -14.82 -3.23
N LEU A 242 -18.41 -14.73 -2.09
CA LEU A 242 -17.47 -15.76 -1.66
C LEU A 242 -18.06 -16.76 -0.70
N GLU A 243 -19.20 -16.43 -0.08
CA GLU A 243 -19.79 -17.34 0.90
C GLU A 243 -20.28 -18.63 0.28
N ASP A 244 -20.45 -18.67 -1.05
CA ASP A 244 -20.95 -19.86 -1.72
C ASP A 244 -19.95 -20.50 -2.67
N GLN A 245 -18.85 -19.83 -2.99
CA GLN A 245 -17.89 -20.34 -3.97
C GLN A 245 -16.62 -20.89 -3.32
N LEU A 246 -16.14 -20.28 -2.25
CA LEU A 246 -14.95 -20.78 -1.57
C LEU A 246 -15.23 -22.16 -1.00
N SER A 247 -14.43 -23.14 -1.41
CA SER A 247 -14.67 -24.52 -1.04
C SER A 247 -14.21 -24.80 0.39
N ASP A 248 -14.35 -26.05 0.80
CA ASP A 248 -13.90 -26.44 2.13
C ASP A 248 -12.38 -26.43 2.20
N GLU A 249 -11.87 -26.32 3.42
CA GLU A 249 -10.45 -26.27 3.76
C GLU A 249 -9.77 -24.98 3.32
N PHE A 250 -10.49 -24.08 2.63
CA PHE A 250 -9.95 -22.77 2.29
C PHE A 250 -10.47 -21.66 3.19
N LYS A 251 -11.63 -21.85 3.82
CA LYS A 251 -12.09 -20.97 4.86
C LYS A 251 -11.33 -21.18 6.17
N GLU A 252 -10.87 -22.42 6.42
CA GLU A 252 -10.16 -22.73 7.65
C GLU A 252 -8.84 -21.97 7.75
N THR A 253 -8.13 -21.81 6.64
CA THR A 253 -6.86 -21.07 6.67
C THR A 253 -7.07 -19.63 7.10
N LEU A 254 -8.04 -18.95 6.49
CA LEU A 254 -8.32 -17.56 6.85
C LEU A 254 -8.82 -17.46 8.28
N SER A 255 -9.65 -18.43 8.70
CA SER A 255 -10.14 -18.42 10.07
C SER A 255 -9.01 -18.56 11.06
N ILE A 256 -8.04 -19.44 10.79
CA ILE A 256 -6.91 -19.64 11.69
C ILE A 256 -6.04 -18.38 11.74
N LEU A 257 -5.79 -17.77 10.57
CA LEU A 257 -5.01 -16.54 10.55
C LEU A 257 -5.67 -15.46 11.42
N TRP A 258 -6.97 -15.27 11.24
CA TRP A 258 -7.63 -14.23 12.03
C TRP A 258 -7.72 -14.63 13.50
N GLU A 259 -7.81 -15.92 13.81
CA GLU A 259 -7.82 -16.33 15.21
C GLU A 259 -6.51 -15.98 15.90
N GLU A 260 -5.38 -16.25 15.22
CA GLU A 260 -4.10 -15.79 15.73
C GLU A 260 -4.10 -14.30 15.98
N VAL A 261 -4.47 -13.51 14.97
CA VAL A 261 -4.30 -12.08 15.12
C VAL A 261 -5.28 -11.52 16.14
N THR A 262 -6.45 -12.13 16.30
CA THR A 262 -7.43 -11.60 17.25
C THR A 262 -7.05 -11.95 18.67
N GLU A 263 -6.47 -13.13 18.92
CA GLU A 263 -5.91 -13.39 20.25
C GLU A 263 -4.80 -12.40 20.56
N ARG A 264 -3.92 -12.15 19.59
CA ARG A 264 -2.84 -11.19 19.82
C ARG A 264 -3.38 -9.80 20.13
N ILE A 265 -4.36 -9.34 19.37
CA ILE A 265 -4.87 -7.98 19.53
C ILE A 265 -5.67 -7.85 20.82
N ASP A 266 -6.38 -8.91 21.22
CA ASP A 266 -7.07 -8.87 22.51
C ASP A 266 -6.08 -8.80 23.66
N SER A 267 -4.97 -9.54 23.56
CA SER A 267 -3.97 -9.50 24.61
C SER A 267 -3.32 -8.12 24.72
N GLU A 268 -3.02 -7.49 23.58
CA GLU A 268 -2.22 -6.27 23.57
C GLU A 268 -3.03 -4.99 23.58
N PHE A 269 -4.36 -5.07 23.54
CA PHE A 269 -5.15 -3.84 23.49
C PHE A 269 -5.07 -3.08 24.80
N LEU A 270 -5.04 -3.77 25.93
CA LEU A 270 -5.14 -3.12 27.23
C LEU A 270 -3.85 -2.37 27.58
N LYS A 271 -3.55 -1.32 26.82
CA LYS A 271 -2.35 -0.52 27.03
C LYS A 271 -2.50 0.76 26.23
N THR A 272 -1.62 1.72 26.54
CA THR A 272 -1.44 2.97 25.79
C THR A 272 -2.62 3.92 26.02
N ASN A 273 -3.67 3.45 26.68
CA ASN A 273 -4.77 4.33 27.06
C ASN A 273 -5.32 3.98 28.43
N THR A 274 -4.48 3.45 29.31
CA THR A 274 -4.95 3.06 30.65
C THR A 274 -4.91 4.28 31.56
N VAL A 275 -5.50 5.38 31.11
CA VAL A 275 -5.67 6.58 31.91
C VAL A 275 -7.14 6.97 31.89
N ASN A 276 -7.68 7.17 30.69
CA ASN A 276 -9.09 7.52 30.55
C ASN A 276 -9.99 6.35 30.88
N LEU A 277 -9.52 5.12 30.58
CA LEU A 277 -10.34 3.94 30.83
C LEU A 277 -10.60 3.77 32.31
N HIS A 278 -9.60 4.05 33.15
CA HIS A 278 -9.81 4.00 34.60
C HIS A 278 -10.84 5.05 35.01
N ILE A 279 -10.77 6.25 34.43
CA ILE A 279 -11.76 7.28 34.70
C ILE A 279 -13.14 6.84 34.21
N LEU A 280 -13.20 6.25 33.02
CA LEU A 280 -14.49 5.84 32.48
C LEU A 280 -15.13 4.76 33.35
N CYS A 281 -14.33 3.81 33.84
CA CYS A 281 -14.85 2.82 34.77
C CYS A 281 -15.32 3.47 36.06
N HIS A 282 -14.56 4.46 36.56
CA HIS A 282 -14.94 5.14 37.79
C HIS A 282 -16.22 5.95 37.61
N VAL A 283 -16.45 6.49 36.40
CA VAL A 283 -17.66 7.26 36.15
C VAL A 283 -18.89 6.37 36.27
N PHE A 284 -18.80 5.13 35.79
CA PHE A 284 -19.90 4.18 35.82
C PHE A 284 -19.54 3.03 36.76
N PRO A 285 -19.75 3.17 38.07
CA PRO A 285 -19.42 2.08 38.98
C PRO A 285 -20.44 0.95 38.92
N LYS A 286 -21.71 1.29 38.68
CA LYS A 286 -22.78 0.30 38.62
C LYS A 286 -22.94 -0.27 37.21
N GLU A 287 -21.83 -0.77 36.65
CA GLU A 287 -21.85 -1.36 35.32
C GLU A 287 -20.79 -2.44 35.25
N SER A 288 -21.02 -3.41 34.35
CA SER A 288 -20.04 -4.46 34.12
C SER A 288 -18.79 -3.89 33.46
N LYS A 289 -17.64 -4.45 33.81
CA LYS A 289 -16.38 -3.94 33.29
C LYS A 289 -16.30 -4.06 31.77
N GLU A 290 -17.01 -5.04 31.20
CA GLU A 290 -17.00 -5.20 29.75
C GLU A 290 -17.62 -3.98 29.07
N THR A 291 -18.70 -3.45 29.62
CA THR A 291 -19.42 -2.36 28.98
C THR A 291 -18.54 -1.12 28.85
N ILE A 292 -17.80 -0.79 29.90
CA ILE A 292 -16.92 0.39 29.86
C ILE A 292 -15.86 0.21 28.78
N VAL A 293 -15.24 -0.97 28.72
CA VAL A 293 -14.26 -1.24 27.69
C VAL A 293 -14.93 -1.29 26.32
N ARG A 294 -16.12 -1.87 26.24
CA ARG A 294 -16.78 -2.07 24.96
C ARG A 294 -17.04 -0.73 24.26
N ALA A 295 -17.88 0.12 24.86
CA ALA A 295 -18.25 1.37 24.22
C ALA A 295 -17.03 2.24 23.96
N TYR A 296 -16.05 2.21 24.86
CA TYR A 296 -14.81 2.94 24.62
C TYR A 296 -14.08 2.40 23.40
N TYR A 297 -14.01 1.07 23.27
CA TYR A 297 -13.40 0.47 22.09
C TYR A 297 -14.25 0.69 20.85
N GLU A 298 -15.57 0.72 21.00
CA GLU A 298 -16.46 0.91 19.86
C GLU A 298 -16.38 2.32 19.28
N PHE A 299 -15.69 3.25 19.95
CA PHE A 299 -15.70 4.65 19.56
C PHE A 299 -14.52 5.04 18.68
N LEU A 300 -13.31 4.60 19.02
CA LEU A 300 -12.11 5.09 18.36
C LEU A 300 -11.51 4.14 17.34
N ILE A 301 -11.67 2.82 17.50
CA ILE A 301 -11.12 1.88 16.53
C ILE A 301 -11.99 1.85 15.28
N LYS A 302 -13.24 1.44 15.43
CA LYS A 302 -14.21 1.41 14.34
C LYS A 302 -15.27 2.46 14.60
N LYS A 303 -15.53 3.29 13.58
CA LYS A 303 -16.33 4.49 13.78
C LYS A 303 -17.81 4.15 13.99
N SER A 304 -18.21 4.02 15.26
CA SER A 304 -19.62 3.96 15.61
C SER A 304 -20.21 5.34 15.85
N PHE A 305 -19.40 6.38 15.85
CA PHE A 305 -19.88 7.76 15.93
C PHE A 305 -20.44 8.24 14.60
N LYS A 306 -19.96 7.67 13.49
CA LYS A 306 -20.30 8.19 12.17
C LYS A 306 -21.77 7.97 11.84
N ASN A 307 -22.33 6.82 12.21
CA ASN A 307 -23.66 6.45 11.74
C ASN A 307 -24.78 7.10 12.55
N MET A 308 -24.69 8.42 12.75
CA MET A 308 -25.79 9.20 13.28
C MET A 308 -25.90 10.49 12.47
N GLY A 309 -27.11 11.04 12.42
CA GLY A 309 -27.36 12.28 11.70
C GLY A 309 -26.97 13.54 12.43
N PHE A 310 -26.53 13.44 13.68
CA PHE A 310 -26.16 14.61 14.47
C PHE A 310 -24.70 14.96 14.27
N SER A 311 -24.35 16.17 14.68
CA SER A 311 -22.96 16.67 14.66
C SER A 311 -22.56 16.94 16.09
N ILE A 312 -22.01 15.92 16.75
CA ILE A 312 -21.61 16.06 18.15
C ILE A 312 -20.50 17.08 18.29
N LYS A 313 -19.57 17.13 17.33
CA LYS A 313 -18.51 18.12 17.36
C LYS A 313 -19.08 19.54 17.31
N LYS A 314 -20.08 19.76 16.46
CA LYS A 314 -20.78 21.04 16.46
C LYS A 314 -21.55 21.23 17.76
N LEU A 315 -22.18 20.17 18.26
CA LEU A 315 -22.95 20.27 19.50
C LEU A 315 -22.06 20.59 20.68
N ARG A 316 -20.81 20.13 20.67
CA ARG A 316 -19.89 20.44 21.76
C ARG A 316 -19.62 21.94 21.84
N GLU A 317 -19.43 22.58 20.70
CA GLU A 317 -19.18 24.03 20.69
C GLU A 317 -20.39 24.79 21.23
N ILE A 318 -21.60 24.38 20.87
CA ILE A 318 -22.80 25.08 21.32
C ILE A 318 -22.94 24.98 22.83
N MET A 319 -22.67 23.81 23.39
CA MET A 319 -22.69 23.67 24.85
C MET A 319 -21.62 24.54 25.50
N LEU A 320 -20.45 24.63 24.86
CA LEU A 320 -19.37 25.47 25.39
C LEU A 320 -19.76 26.94 25.43
N GLU A 321 -20.76 27.35 24.66
CA GLU A 321 -21.25 28.73 24.70
C GLU A 321 -22.03 29.03 25.97
N GLN A 322 -22.37 28.02 26.75
CA GLN A 322 -23.10 28.19 28.00
C GLN A 322 -22.13 28.19 29.17
N SER A 323 -22.42 29.00 30.19
CA SER A 323 -21.54 29.14 31.34
C SER A 323 -21.52 27.91 32.24
N ASP A 324 -22.41 26.94 32.02
CA ASP A 324 -22.47 25.77 32.88
C ASP A 324 -21.18 24.96 32.83
N LEU A 325 -20.63 24.77 31.63
CA LEU A 325 -19.44 23.94 31.46
C LEU A 325 -18.35 24.63 30.65
N LYS A 326 -18.42 25.95 30.51
CA LYS A 326 -17.40 26.70 29.78
C LYS A 326 -16.21 27.07 30.67
N SER A 327 -16.23 26.69 31.94
CA SER A 327 -15.18 27.01 32.90
C SER A 327 -13.89 26.25 32.65
N PHE A 328 -13.75 25.54 31.54
CA PHE A 328 -12.53 24.78 31.24
C PHE A 328 -11.73 25.41 30.10
N LYS A 329 -12.03 26.66 29.73
CA LYS A 329 -11.35 27.34 28.64
C LYS A 329 -10.08 28.06 29.09
N GLU A 330 -9.50 27.64 30.22
CA GLU A 330 -8.32 28.32 30.74
C GLU A 330 -7.10 28.04 29.87
N ASP A 331 -6.11 28.93 29.99
CA ASP A 331 -4.86 28.75 29.26
C ASP A 331 -4.13 27.50 29.71
N LYS A 332 -4.18 27.20 31.02
CA LYS A 332 -3.53 26.01 31.54
C LYS A 332 -4.16 24.72 31.03
N TYR A 333 -5.38 24.79 30.49
CA TYR A 333 -6.03 23.60 29.96
C TYR A 333 -5.42 23.12 28.65
N ASN A 334 -4.52 23.90 28.05
CA ASN A 334 -3.89 23.49 26.80
C ASN A 334 -2.95 22.29 26.97
N SER A 335 -2.62 21.92 28.20
CA SER A 335 -1.72 20.79 28.42
C SER A 335 -2.31 19.50 27.88
N VAL A 336 -3.61 19.28 28.10
CA VAL A 336 -4.31 18.12 27.59
C VAL A 336 -5.47 18.59 26.74
N ARG A 337 -5.47 18.22 25.46
CA ARG A 337 -6.53 18.58 24.53
C ARG A 337 -7.23 17.36 23.94
N ALA A 338 -6.47 16.41 23.40
CA ALA A 338 -7.08 15.24 22.75
C ALA A 338 -7.85 14.39 23.74
N LYS A 339 -7.26 14.14 24.92
CA LYS A 339 -7.91 13.31 25.93
C LYS A 339 -9.10 14.01 26.56
N LEU A 340 -9.30 15.30 26.32
CA LEU A 340 -10.44 16.03 26.85
C LEU A 340 -11.63 15.98 25.91
N TYR A 341 -11.46 16.44 24.67
CA TYR A 341 -12.57 16.47 23.72
C TYR A 341 -13.10 15.06 23.44
N LYS A 342 -12.20 14.07 23.40
CA LYS A 342 -12.61 12.71 23.08
C LYS A 342 -13.56 12.14 24.13
N LEU A 343 -13.28 12.41 25.41
CA LEU A 343 -14.09 11.82 26.47
C LEU A 343 -15.51 12.37 26.50
N PHE A 344 -15.69 13.67 26.21
CA PHE A 344 -17.04 14.21 26.15
C PHE A 344 -17.84 13.57 25.01
N ASP A 345 -17.19 13.31 23.88
CA ASP A 345 -17.87 12.64 22.78
C ASP A 345 -18.36 11.26 23.20
N PHE A 346 -17.57 10.56 24.01
CA PHE A 346 -17.97 9.25 24.50
C PHE A 346 -19.25 9.33 25.33
N ILE A 347 -19.33 10.32 26.23
CA ILE A 347 -20.51 10.45 27.06
C ILE A 347 -21.72 10.83 26.23
N ILE A 348 -21.55 11.77 25.29
CA ILE A 348 -22.66 12.26 24.49
C ILE A 348 -23.24 11.12 23.66
N THR A 349 -22.38 10.34 23.00
CA THR A 349 -22.90 9.27 22.15
C THR A 349 -23.56 8.17 22.97
N TYR A 350 -23.09 7.93 24.18
CA TYR A 350 -23.78 6.99 25.06
C TYR A 350 -25.12 7.57 25.52
N TYR A 351 -25.16 8.88 25.75
CA TYR A 351 -26.39 9.53 26.19
C TYR A 351 -27.49 9.37 25.16
N TYR A 352 -27.17 9.57 23.88
CA TYR A 352 -28.15 9.36 22.82
C TYR A 352 -28.54 7.88 22.74
N ASP A 353 -27.55 6.98 22.88
CA ASP A 353 -27.85 5.56 22.85
C ASP A 353 -28.60 5.11 24.10
N HIS A 354 -28.36 5.77 25.23
CA HIS A 354 -29.00 5.37 26.47
C HIS A 354 -30.52 5.51 26.39
N HIS A 355 -31.00 6.61 25.82
CA HIS A 355 -32.43 6.82 25.69
C HIS A 355 -32.99 6.08 24.47
N ALA A 356 -32.47 6.39 23.28
CA ALA A 356 -32.92 5.82 22.02
C ALA A 356 -34.34 6.25 21.69
N PHE A 357 -34.94 7.05 22.57
CA PHE A 357 -36.25 7.64 22.32
C PHE A 357 -36.14 9.15 22.12
N GLU A 358 -35.39 9.83 23.01
CA GLU A 358 -35.05 11.22 22.77
C GLU A 358 -34.18 11.37 21.52
N LYS A 359 -33.24 10.44 21.33
CA LYS A 359 -32.45 10.44 20.10
C LYS A 359 -33.33 10.20 18.87
N GLU A 360 -34.28 9.27 18.98
CA GLU A 360 -35.22 9.04 17.89
C GLU A 360 -36.10 10.26 17.65
N ALA A 361 -36.57 10.90 18.73
CA ALA A 361 -37.37 12.11 18.59
C ALA A 361 -36.55 13.23 17.96
N LEU A 362 -35.27 13.34 18.34
CA LEU A 362 -34.40 14.35 17.75
C LEU A 362 -34.22 14.11 16.25
N VAL A 363 -34.15 12.85 15.84
CA VAL A 363 -34.05 12.53 14.42
C VAL A 363 -35.28 13.01 13.68
N SER A 364 -36.46 12.75 14.23
CA SER A 364 -37.70 13.20 13.61
C SER A 364 -37.80 14.72 13.59
N SER A 365 -37.39 15.38 14.68
CA SER A 365 -37.44 16.83 14.73
C SER A 365 -36.49 17.46 13.71
N LEU A 366 -35.27 16.91 13.59
CA LEU A 366 -34.32 17.45 12.62
C LEU A 366 -34.78 17.16 11.19
N ARG A 367 -35.39 16.00 10.96
CA ARG A 367 -35.85 15.64 9.63
C ARG A 367 -37.06 16.47 9.19
N SER A 368 -37.78 17.06 10.14
CA SER A 368 -38.95 17.87 9.86
C SER A 368 -38.64 19.37 9.85
N SER A 369 -37.37 19.74 9.92
CA SER A 369 -36.99 21.14 9.92
C SER A 369 -37.31 21.79 8.57
N LEU A 370 -37.64 23.08 8.61
CA LEU A 370 -38.01 23.83 7.41
C LEU A 370 -36.79 24.50 6.78
N THR A 371 -36.10 25.34 7.54
CA THR A 371 -34.94 26.07 7.05
C THR A 371 -33.77 25.84 7.99
N GLU A 372 -32.62 26.40 7.62
CA GLU A 372 -31.42 26.26 8.47
C GLU A 372 -31.57 27.03 9.77
N GLU A 373 -32.35 28.10 9.78
CA GLU A 373 -32.56 28.86 11.01
C GLU A 373 -33.24 28.01 12.06
N ASN A 374 -34.22 27.19 11.66
CA ASN A 374 -34.85 26.28 12.61
C ASN A 374 -33.85 25.26 13.14
N LYS A 375 -32.96 24.76 12.26
CA LYS A 375 -31.95 23.80 12.71
C LYS A 375 -31.01 24.41 13.73
N GLU A 376 -30.58 25.66 13.51
CA GLU A 376 -29.72 26.33 14.47
C GLU A 376 -30.42 26.52 15.80
N GLU A 377 -31.69 26.93 15.77
CA GLU A 377 -32.45 27.07 17.01
C GLU A 377 -32.64 25.72 17.69
N ILE A 378 -32.93 24.68 16.91
CA ILE A 378 -33.04 23.34 17.48
C ILE A 378 -31.72 22.89 18.07
N TYR A 379 -30.61 23.16 17.37
CA TYR A 379 -29.30 22.80 17.89
C TYR A 379 -28.99 23.54 19.17
N ILE A 380 -29.34 24.83 19.24
CA ILE A 380 -29.15 25.59 20.47
C ILE A 380 -30.04 25.06 21.58
N LYS A 381 -31.31 24.78 21.26
CA LYS A 381 -32.25 24.29 22.28
C LYS A 381 -31.83 22.93 22.81
N THR A 382 -31.38 22.04 21.93
CA THR A 382 -30.96 20.71 22.38
C THR A 382 -29.73 20.80 23.29
N ALA A 383 -28.78 21.67 22.94
CA ALA A 383 -27.55 21.78 23.72
C ALA A 383 -27.81 22.33 25.11
N ARG A 384 -28.70 23.33 25.23
CA ARG A 384 -28.96 23.93 26.53
C ARG A 384 -29.64 22.96 27.47
N THR A 385 -30.41 22.01 26.94
CA THR A 385 -30.96 20.94 27.77
C THR A 385 -29.88 20.02 28.27
N LEU A 386 -28.90 19.70 27.42
CA LEU A 386 -27.81 18.82 27.82
C LEU A 386 -26.95 19.43 28.92
N ALA A 387 -26.68 20.74 28.81
CA ALA A 387 -25.81 21.40 29.79
C ALA A 387 -26.43 21.35 31.18
N SER A 388 -27.73 21.60 31.29
CA SER A 388 -28.41 21.54 32.57
C SER A 388 -28.72 20.11 33.01
N ALA A 389 -28.55 19.13 32.12
CA ALA A 389 -28.86 17.75 32.47
C ALA A 389 -27.72 17.08 33.22
N LEU A 390 -26.54 17.00 32.59
CA LEU A 390 -25.40 16.28 33.13
C LEU A 390 -24.16 17.16 33.21
N GLY A 391 -24.35 18.46 33.41
CA GLY A 391 -23.20 19.36 33.54
C GLY A 391 -22.33 19.00 34.72
N ALA A 392 -22.94 18.57 35.82
CA ALA A 392 -22.17 18.13 36.98
C ALA A 392 -21.34 16.90 36.65
N ASP A 393 -21.90 15.96 35.89
CA ASP A 393 -21.15 14.80 35.45
C ASP A 393 -19.98 15.20 34.57
N PHE A 394 -20.20 16.16 33.67
CA PHE A 394 -19.11 16.63 32.82
C PHE A 394 -18.00 17.27 33.65
N LYS A 395 -18.38 18.09 34.64
CA LYS A 395 -17.38 18.75 35.47
C LYS A 395 -16.57 17.74 36.28
N LYS A 396 -17.26 16.76 36.88
CA LYS A 396 -16.56 15.75 37.66
C LYS A 396 -15.65 14.90 36.80
N ALA A 397 -16.09 14.55 35.59
CA ALA A 397 -15.22 13.79 34.68
C ALA A 397 -14.03 14.61 34.24
N ALA A 398 -14.23 15.90 33.97
CA ALA A 398 -13.15 16.75 33.47
C ALA A 398 -12.23 17.25 34.57
N ALA A 399 -12.62 17.14 35.83
CA ALA A 399 -11.78 17.59 36.94
C ALA A 399 -10.87 16.51 37.48
N ASP A 400 -10.97 15.28 36.96
CA ASP A 400 -10.17 14.16 37.44
C ASP A 400 -8.88 14.00 36.64
N VAL A 401 -8.64 14.83 35.63
CA VAL A 401 -7.47 14.72 34.78
C VAL A 401 -6.46 15.79 35.16
N ASN A 402 -5.22 15.37 35.39
CA ASN A 402 -4.11 16.26 35.70
C ASN A 402 -2.83 15.45 35.57
N ALA A 403 -1.70 16.10 35.90
CA ALA A 403 -0.40 15.44 35.81
C ALA A 403 -0.30 14.27 36.77
N LYS A 404 -0.80 14.44 38.01
CA LYS A 404 -0.64 13.40 39.02
C LYS A 404 -1.42 12.14 38.66
N ASN A 405 -2.66 12.30 38.21
CA ASN A 405 -3.49 11.13 37.91
C ASN A 405 -2.98 10.38 36.69
N ILE A 406 -2.49 11.10 35.69
CA ILE A 406 -2.01 10.45 34.46
C ILE A 406 -0.81 9.57 34.77
N ARG A 407 0.15 10.09 35.55
CA ARG A 407 1.32 9.32 35.91
C ARG A 407 0.94 8.13 36.79
N ASP A 408 0.04 8.33 37.75
CA ASP A 408 -0.37 7.24 38.63
C ASP A 408 -1.10 6.15 37.87
N TYR A 409 -1.97 6.53 36.94
CA TYR A 409 -2.72 5.54 36.17
C TYR A 409 -1.81 4.76 35.23
N GLN A 410 -0.79 5.42 34.68
CA GLN A 410 0.12 4.75 33.76
C GLN A 410 0.95 3.69 34.47
N LYS A 411 1.25 3.90 35.76
CA LYS A 411 2.02 2.91 36.51
C LYS A 411 1.27 1.59 36.63
N LYS A 412 -0.04 1.65 36.91
CA LYS A 412 -0.87 0.46 37.03
C LYS A 412 -1.68 0.31 35.74
N ALA A 413 -1.05 -0.34 34.76
CA ALA A 413 -1.66 -0.56 33.46
C ALA A 413 -2.27 -1.95 33.32
N ASN A 414 -2.33 -2.72 34.40
CA ASN A 414 -2.87 -4.08 34.37
C ASN A 414 -3.92 -4.26 35.45
N ASP A 415 -4.85 -3.30 35.56
CA ASP A 415 -5.91 -3.38 36.54
C ASP A 415 -7.25 -3.67 35.87
N ILE A 425 -13.35 -12.22 24.31
CA ILE A 425 -13.36 -10.83 24.72
C ILE A 425 -13.68 -9.94 23.52
N GLY A 426 -12.64 -9.40 22.88
CA GLY A 426 -12.84 -8.60 21.68
C GLY A 426 -13.00 -9.41 20.42
N ASN A 427 -12.66 -10.69 20.45
CA ASN A 427 -12.78 -11.53 19.25
C ASN A 427 -14.25 -11.81 18.93
N THR A 428 -14.63 -11.53 17.69
CA THR A 428 -15.99 -11.82 17.24
C THR A 428 -15.99 -12.61 15.93
N GLY A 429 -15.01 -12.35 15.08
CA GLY A 429 -14.99 -12.89 13.75
C GLY A 429 -15.36 -11.84 12.72
N ILE A 430 -14.81 -11.98 11.51
CA ILE A 430 -14.93 -10.97 10.48
C ILE A 430 -15.45 -11.63 9.21
N GLY A 431 -15.78 -10.80 8.22
CA GLY A 431 -16.28 -11.28 6.96
C GLY A 431 -15.20 -11.92 6.11
N TYR A 432 -15.64 -12.65 5.09
CA TYR A 432 -14.72 -13.35 4.21
C TYR A 432 -14.00 -12.42 3.25
N PHE A 433 -14.65 -11.32 2.86
CA PHE A 433 -13.98 -10.32 2.03
C PHE A 433 -12.79 -9.69 2.76
N SER A 434 -12.95 -9.42 4.06
CA SER A 434 -11.90 -8.77 4.83
C SER A 434 -10.76 -9.72 5.17
N GLU A 435 -11.04 -11.01 5.36
CA GLU A 435 -9.98 -11.98 5.62
C GLU A 435 -9.03 -12.06 4.43
N LEU A 436 -9.57 -11.94 3.22
CA LEU A 436 -8.72 -11.89 2.03
C LEU A 436 -7.82 -10.66 2.07
N ILE A 437 -8.35 -9.53 2.53
CA ILE A 437 -7.56 -8.31 2.65
C ILE A 437 -6.44 -8.50 3.65
N TYR A 438 -6.72 -9.18 4.77
CA TYR A 438 -5.68 -9.42 5.76
C TYR A 438 -4.60 -10.35 5.21
N MET A 439 -5.00 -11.37 4.45
CA MET A 439 -4.02 -12.25 3.83
C MET A 439 -3.14 -11.49 2.85
N LEU A 440 -3.73 -10.57 2.09
CA LEU A 440 -2.92 -9.70 1.22
C LEU A 440 -1.97 -8.82 2.03
N THR A 441 -2.48 -8.25 3.13
CA THR A 441 -1.66 -7.42 4.00
C THR A 441 -0.46 -8.17 4.55
N LEU A 442 -0.61 -9.48 4.75
CA LEU A 442 0.48 -10.28 5.30
C LEU A 442 1.71 -10.30 4.39
N LEU A 443 1.57 -9.96 3.11
CA LEU A 443 2.67 -10.03 2.16
C LEU A 443 3.16 -8.65 1.71
N LEU A 444 2.86 -7.59 2.45
CA LEU A 444 3.24 -6.24 2.08
C LEU A 444 3.93 -5.54 3.25
N ASP A 445 4.23 -4.26 3.05
CA ASP A 445 4.90 -3.43 4.04
C ASP A 445 4.00 -2.27 4.44
N GLY A 446 4.51 -1.41 5.33
CA GLY A 446 3.66 -0.42 5.97
C GLY A 446 3.04 0.58 5.01
N LYS A 447 3.86 1.12 4.10
CA LYS A 447 3.39 2.19 3.23
C LYS A 447 2.29 1.70 2.29
N GLU A 448 2.52 0.57 1.63
CA GLU A 448 1.50 0.04 0.74
C GLU A 448 0.27 -0.44 1.50
N ILE A 449 0.45 -0.91 2.73
CA ILE A 449 -0.69 -1.25 3.58
C ILE A 449 -1.56 -0.01 3.81
N ASN A 450 -0.92 1.10 4.17
CA ASN A 450 -1.68 2.33 4.41
C ASN A 450 -2.38 2.79 3.14
N ASP A 451 -1.69 2.75 2.01
CA ASP A 451 -2.31 3.19 0.76
C ASP A 451 -3.54 2.34 0.43
N LEU A 452 -3.39 1.02 0.48
CA LEU A 452 -4.49 0.12 0.15
C LEU A 452 -5.68 0.36 1.07
N LEU A 453 -5.44 0.35 2.39
CA LEU A 453 -6.55 0.46 3.32
C LEU A 453 -7.21 1.84 3.25
N THR A 454 -6.42 2.89 3.05
CA THR A 454 -6.99 4.23 2.95
C THR A 454 -7.90 4.34 1.74
N THR A 455 -7.46 3.84 0.59
CA THR A 455 -8.31 3.87 -0.60
C THR A 455 -9.59 3.08 -0.38
N LEU A 456 -9.48 1.88 0.19
CA LEU A 456 -10.66 1.05 0.39
C LEU A 456 -11.66 1.71 1.34
N ILE A 457 -11.16 2.28 2.43
CA ILE A 457 -12.04 2.93 3.39
C ILE A 457 -12.76 4.11 2.77
N ASN A 458 -12.02 4.93 2.01
CA ASN A 458 -12.63 6.09 1.37
C ASN A 458 -13.72 5.65 0.39
N LYS A 459 -13.44 4.61 -0.41
CA LYS A 459 -14.43 4.16 -1.37
C LYS A 459 -15.69 3.66 -0.69
N PHE A 460 -15.56 2.88 0.37
CA PHE A 460 -16.75 2.37 1.04
C PHE A 460 -17.54 3.48 1.70
N ASP A 461 -16.86 4.48 2.27
CA ASP A 461 -17.56 5.61 2.84
C ASP A 461 -18.36 6.36 1.78
N ASN A 462 -17.75 6.55 0.60
CA ASN A 462 -18.47 7.20 -0.50
C ASN A 462 -19.70 6.40 -0.90
N ILE A 463 -19.57 5.07 -0.96
CA ILE A 463 -20.71 4.25 -1.35
C ILE A 463 -21.83 4.37 -0.32
N ILE A 464 -21.49 4.36 0.97
CA ILE A 464 -22.51 4.53 2.00
C ILE A 464 -23.23 5.86 1.83
N SER A 465 -22.47 6.94 1.62
CA SER A 465 -23.09 8.25 1.45
C SER A 465 -24.01 8.28 0.24
N PHE A 466 -23.57 7.70 -0.88
CA PHE A 466 -24.40 7.71 -2.09
C PHE A 466 -25.67 6.89 -1.91
N ILE A 467 -25.58 5.74 -1.24
CA ILE A 467 -26.79 4.94 -0.99
C ILE A 467 -27.76 5.71 -0.11
N ASP A 468 -27.26 6.37 0.93
CA ASP A 468 -28.15 7.15 1.78
C ASP A 468 -28.84 8.25 0.98
N ILE A 469 -28.08 8.97 0.14
CA ILE A 469 -28.66 10.03 -0.68
C ILE A 469 -29.72 9.45 -1.61
N LEU A 470 -29.42 8.33 -2.26
CA LEU A 470 -30.38 7.72 -3.18
C LEU A 470 -31.66 7.32 -2.46
N LYS A 471 -31.54 6.74 -1.26
CA LYS A 471 -32.72 6.36 -0.52
C LYS A 471 -33.56 7.57 -0.14
N LYS A 472 -32.93 8.66 0.27
CA LYS A 472 -33.69 9.82 0.72
C LYS A 472 -34.47 10.47 -0.41
N LEU A 473 -34.07 10.27 -1.66
CA LEU A 473 -34.73 10.89 -2.80
C LEU A 473 -35.84 10.02 -3.39
N ASN A 474 -36.16 8.89 -2.75
CA ASN A 474 -37.19 7.98 -3.21
C ASN A 474 -36.92 7.47 -4.62
N LEU A 475 -35.79 6.77 -4.76
CA LEU A 475 -35.36 6.19 -6.02
C LEU A 475 -34.91 4.76 -5.80
N GLU A 476 -34.77 4.01 -6.88
CA GLU A 476 -34.36 2.62 -6.80
C GLU A 476 -32.93 2.51 -6.28
N PHE A 477 -32.71 1.55 -5.38
CA PHE A 477 -31.40 1.33 -4.79
C PHE A 477 -30.96 -0.12 -4.80
N LYS A 478 -31.81 -1.05 -5.24
CA LYS A 478 -31.42 -2.46 -5.27
C LYS A 478 -30.62 -2.76 -6.53
N PHE A 479 -29.57 -3.56 -6.36
CA PHE A 479 -28.73 -3.98 -7.47
C PHE A 479 -29.37 -5.19 -8.15
N LYS A 480 -28.66 -5.78 -9.11
CA LYS A 480 -29.06 -7.06 -9.65
C LYS A 480 -28.89 -8.14 -8.60
N PRO A 481 -29.55 -9.29 -8.75
CA PRO A 481 -29.43 -10.34 -7.73
C PRO A 481 -28.00 -10.80 -7.49
N GLU A 482 -27.13 -10.73 -8.50
CA GLU A 482 -25.76 -11.19 -8.32
C GLU A 482 -24.99 -10.33 -7.32
N TYR A 483 -25.19 -9.02 -7.37
CA TYR A 483 -24.50 -8.11 -6.46
C TYR A 483 -25.30 -7.80 -5.20
N ALA A 484 -26.53 -8.33 -5.08
CA ALA A 484 -27.39 -7.92 -3.98
C ALA A 484 -26.86 -8.40 -2.64
N ASP A 485 -26.29 -9.60 -2.59
CA ASP A 485 -25.87 -10.16 -1.31
C ASP A 485 -24.71 -9.38 -0.69
N PHE A 486 -23.97 -8.62 -1.49
CA PHE A 486 -22.82 -7.87 -1.01
C PHE A 486 -23.07 -6.36 -0.97
N PHE A 487 -23.52 -5.78 -2.07
CA PHE A 487 -23.66 -4.33 -2.18
C PHE A 487 -25.02 -3.87 -1.66
N ASN A 488 -25.14 -3.92 -0.33
CA ASN A 488 -26.29 -3.38 0.39
C ASN A 488 -25.75 -2.50 1.51
N MET A 489 -26.67 -1.79 2.16
CA MET A 489 -26.24 -0.81 3.17
C MET A 489 -25.56 -1.50 4.35
N THR A 490 -26.23 -2.49 4.95
CA THR A 490 -25.71 -3.10 6.17
C THR A 490 -24.38 -3.82 5.93
N ASN A 491 -24.29 -4.57 4.84
CA ASN A 491 -23.05 -5.28 4.52
C ASN A 491 -21.91 -4.31 4.31
N CYS A 492 -22.16 -3.20 3.61
CA CYS A 492 -21.11 -2.22 3.36
C CYS A 492 -20.68 -1.53 4.66
N ARG A 493 -21.62 -1.22 5.55
CA ARG A 493 -21.22 -0.64 6.83
C ARG A 493 -20.35 -1.61 7.63
N TYR A 494 -20.73 -2.88 7.66
CA TYR A 494 -19.93 -3.87 8.38
C TYR A 494 -18.54 -3.99 7.78
N THR A 495 -18.46 -4.02 6.45
CA THR A 495 -17.16 -4.12 5.80
C THR A 495 -16.30 -2.89 6.09
N LEU A 496 -16.91 -1.71 6.11
CA LEU A 496 -16.14 -0.50 6.40
C LEU A 496 -15.57 -0.52 7.80
N GLU A 497 -16.39 -0.88 8.79
CA GLU A 497 -15.86 -0.92 10.15
C GLU A 497 -14.80 -2.01 10.31
N GLU A 498 -14.97 -3.15 9.63
CA GLU A 498 -13.95 -4.20 9.74
C GLU A 498 -12.64 -3.79 9.08
N LEU A 499 -12.72 -3.08 7.95
CA LEU A 499 -11.50 -2.57 7.32
C LEU A 499 -10.80 -1.56 8.21
N ARG A 500 -11.57 -0.70 8.87
CA ARG A 500 -10.99 0.22 9.84
C ARG A 500 -10.29 -0.53 10.96
N VAL A 501 -10.87 -1.64 11.43
CA VAL A 501 -10.21 -2.45 12.45
C VAL A 501 -8.92 -3.06 11.91
N ILE A 502 -8.95 -3.58 10.67
CA ILE A 502 -7.78 -4.21 10.09
C ILE A 502 -6.64 -3.21 9.96
N ASN A 503 -6.96 -1.96 9.64
CA ASN A 503 -5.91 -0.95 9.49
C ASN A 503 -5.15 -0.73 10.80
N SER A 504 -5.86 -0.70 11.92
CA SER A 504 -5.28 -0.28 13.20
C SER A 504 -4.71 -1.46 13.97
N ILE A 505 -3.71 -2.12 13.36
CA ILE A 505 -2.92 -3.15 14.03
C ILE A 505 -1.47 -2.67 14.01
N ALA A 506 -0.87 -2.55 15.19
CA ALA A 506 0.51 -2.10 15.28
C ALA A 506 1.44 -3.19 14.74
N ARG A 507 2.12 -2.89 13.63
CA ARG A 507 3.00 -3.84 12.98
C ARG A 507 4.44 -3.35 13.10
N MET A 508 5.32 -4.22 13.57
CA MET A 508 6.74 -3.89 13.72
C MET A 508 7.60 -4.43 12.59
N GLN A 509 7.19 -5.54 11.97
CA GLN A 509 7.93 -6.14 10.85
C GLN A 509 9.40 -6.40 11.23
N LYS A 510 9.61 -6.93 12.43
CA LYS A 510 10.94 -7.23 12.88
C LYS A 510 11.55 -8.36 12.04
N PRO A 511 12.88 -8.34 11.82
CA PRO A 511 13.53 -9.29 10.93
C PRO A 511 13.74 -10.69 11.53
N SER A 512 12.71 -11.20 12.17
CA SER A 512 12.68 -12.57 12.70
C SER A 512 13.90 -12.89 13.56
N ALA A 513 14.22 -14.18 13.69
CA ALA A 513 15.37 -14.61 14.46
C ALA A 513 16.22 -15.68 13.77
N ASP A 514 15.66 -16.44 12.83
CA ASP A 514 16.41 -17.42 12.06
C ASP A 514 16.67 -16.98 10.64
N ALA A 515 16.00 -15.92 10.17
CA ALA A 515 16.22 -15.39 8.84
C ALA A 515 17.41 -14.45 8.76
N ARG A 516 18.01 -14.08 9.90
CA ARG A 516 19.06 -13.08 9.91
C ARG A 516 20.34 -13.55 9.23
N LYS A 517 20.56 -14.86 9.12
CA LYS A 517 21.74 -15.35 8.41
C LYS A 517 21.68 -14.99 6.93
N ILE A 518 20.55 -15.27 6.30
CA ILE A 518 20.37 -14.94 4.89
C ILE A 518 20.46 -13.43 4.70
N MET A 519 19.93 -12.67 5.64
CA MET A 519 19.99 -11.21 5.56
C MET A 519 21.44 -10.72 5.66
N TYR A 520 22.24 -11.34 6.52
CA TYR A 520 23.66 -10.99 6.58
C TYR A 520 24.37 -11.28 5.27
N ARG A 521 24.08 -12.44 4.69
CA ARG A 521 24.70 -12.80 3.41
C ARG A 521 24.35 -11.79 2.32
N ASP A 522 23.07 -11.45 2.21
CA ASP A 522 22.67 -10.46 1.21
C ASP A 522 23.24 -9.08 1.49
N ALA A 523 23.32 -8.68 2.77
CA ALA A 523 23.86 -7.39 3.11
C ALA A 523 25.33 -7.28 2.71
N LEU A 524 26.10 -8.34 2.95
CA LEU A 524 27.46 -8.36 2.44
C LEU A 524 27.48 -8.34 0.92
N ARG A 525 26.48 -8.95 0.28
CA ARG A 525 26.42 -8.93 -1.17
C ARG A 525 26.22 -7.53 -1.72
N ILE A 526 25.40 -6.70 -1.07
CA ILE A 526 25.11 -5.38 -1.63
C ILE A 526 26.29 -4.45 -1.48
N LEU A 527 26.86 -4.34 -0.28
CA LEU A 527 27.99 -3.42 -0.07
C LEU A 527 29.25 -4.07 -0.62
N GLY A 528 29.35 -4.08 -1.94
CA GLY A 528 30.44 -4.75 -2.61
C GLY A 528 30.29 -6.25 -2.53
N MET A 529 31.27 -6.94 -3.12
CA MET A 529 31.38 -8.39 -3.03
C MET A 529 30.11 -9.08 -3.58
N ASP A 530 29.92 -8.93 -4.87
CA ASP A 530 28.74 -9.47 -5.55
C ASP A 530 29.13 -10.46 -6.64
N ASN A 531 28.23 -11.39 -6.93
CA ASN A 531 28.36 -12.33 -8.05
C ASN A 531 29.59 -13.23 -7.89
N ARG A 532 29.80 -13.75 -6.69
CA ARG A 532 30.80 -14.77 -6.45
C ARG A 532 30.27 -15.83 -5.50
N PRO A 533 30.80 -17.05 -5.58
CA PRO A 533 30.16 -18.18 -4.91
C PRO A 533 30.09 -18.02 -3.39
N ASP A 534 29.18 -18.80 -2.80
CA ASP A 534 28.91 -18.71 -1.37
C ASP A 534 30.09 -19.16 -0.51
N GLU A 535 31.03 -19.91 -1.07
CA GLU A 535 32.18 -20.36 -0.29
C GLU A 535 33.04 -19.17 0.15
N GLU A 536 33.29 -18.24 -0.78
CA GLU A 536 34.06 -17.05 -0.43
C GLU A 536 33.30 -16.16 0.54
N ILE A 537 31.96 -16.14 0.43
CA ILE A 537 31.16 -15.38 1.40
C ILE A 537 31.31 -15.99 2.79
N ASP A 538 31.27 -17.33 2.89
CA ASP A 538 31.48 -17.97 4.17
C ASP A 538 32.87 -17.67 4.71
N ARG A 539 33.87 -17.66 3.83
CA ARG A 539 35.23 -17.32 4.25
C ARG A 539 35.30 -15.92 4.84
N GLU A 540 34.73 -14.94 4.14
CA GLU A 540 34.76 -13.56 4.62
C GLU A 540 33.92 -13.38 5.87
N LEU A 541 32.81 -14.11 5.97
CA LEU A 541 32.00 -14.06 7.18
C LEU A 541 32.80 -14.56 8.38
N GLU A 542 33.54 -15.65 8.20
CA GLU A 542 34.33 -16.19 9.29
C GLU A 542 35.49 -15.25 9.65
N ARG A 543 36.16 -14.70 8.64
CA ARG A 543 37.35 -13.90 8.91
C ARG A 543 36.97 -12.53 9.49
N THR A 544 35.84 -11.97 9.08
CA THR A 544 35.46 -10.64 9.52
C THR A 544 34.86 -10.65 10.92
N MET A 545 33.82 -11.46 11.12
CA MET A 545 33.21 -11.60 12.43
C MET A 545 33.64 -12.93 13.05
N PRO A 546 34.47 -12.91 14.10
CA PRO A 546 35.00 -14.17 14.63
C PRO A 546 33.95 -14.96 15.39
N VAL A 547 34.23 -16.27 15.52
CA VAL A 547 33.37 -17.18 16.25
C VAL A 547 34.08 -17.79 17.45
N GLY A 548 35.33 -18.18 17.30
CA GLY A 548 36.09 -18.75 18.40
C GLY A 548 35.87 -20.25 18.51
N ALA A 549 35.30 -20.69 19.63
CA ALA A 549 35.05 -22.10 19.88
C ALA A 549 33.62 -22.29 20.37
N ASP A 550 33.08 -23.47 20.10
CA ASP A 550 31.73 -23.86 20.52
C ASP A 550 30.66 -22.95 19.92
N GLY A 551 30.95 -22.34 18.77
CA GLY A 551 29.99 -21.47 18.11
C GLY A 551 29.61 -20.25 18.93
N LYS A 552 30.54 -19.72 19.71
CA LYS A 552 30.26 -18.57 20.56
C LYS A 552 30.64 -17.28 19.82
N PHE A 553 30.69 -16.17 20.55
CA PHE A 553 31.08 -14.88 20.01
C PHE A 553 32.23 -14.34 20.86
N ILE A 554 33.30 -13.91 20.20
CA ILE A 554 34.48 -13.43 20.92
C ILE A 554 34.16 -12.06 21.52
N LYS A 555 34.15 -11.97 22.84
CA LYS A 555 33.81 -10.72 23.51
C LYS A 555 34.91 -9.69 23.27
N GLY A 556 34.47 -8.46 22.98
CA GLY A 556 35.40 -7.36 22.72
C GLY A 556 35.93 -7.28 21.31
N LYS A 557 35.48 -8.15 20.41
CA LYS A 557 35.97 -8.16 19.04
C LYS A 557 34.81 -8.29 18.06
N GLN A 558 33.74 -7.56 18.31
CA GLN A 558 32.56 -7.56 17.43
C GLN A 558 32.03 -6.12 17.36
N GLY A 559 32.51 -5.37 16.38
CA GLY A 559 32.02 -4.02 16.18
C GLY A 559 31.32 -3.87 14.86
N PHE A 560 31.54 -4.84 13.96
CA PHE A 560 30.95 -4.82 12.63
C PHE A 560 29.58 -5.46 12.60
N ARG A 561 29.39 -6.56 13.33
CA ARG A 561 28.11 -7.26 13.31
C ARG A 561 27.00 -6.37 13.84
N ASN A 562 27.26 -5.66 14.94
CA ASN A 562 26.25 -4.75 15.48
C ASN A 562 25.94 -3.62 14.50
N PHE A 563 26.97 -3.09 13.83
CA PHE A 563 26.77 -2.04 12.86
C PHE A 563 25.86 -2.50 11.73
N ILE A 564 26.14 -3.69 11.18
CA ILE A 564 25.29 -4.24 10.13
C ILE A 564 23.86 -4.45 10.63
N ALA A 565 23.73 -5.13 11.78
CA ALA A 565 22.41 -5.48 12.28
C ALA A 565 21.59 -4.25 12.62
N SER A 566 22.24 -3.13 12.95
CA SER A 566 21.50 -1.93 13.31
C SER A 566 21.23 -1.00 12.15
N ASN A 567 22.03 -1.05 11.08
CA ASN A 567 21.83 -0.10 10.00
C ASN A 567 21.28 -0.69 8.71
N VAL A 568 21.58 -1.95 8.36
CA VAL A 568 21.07 -2.53 7.13
C VAL A 568 20.08 -3.67 7.39
N ILE A 569 20.32 -4.50 8.40
CA ILE A 569 19.40 -5.61 8.67
C ILE A 569 18.05 -5.07 9.15
N GLU A 570 18.06 -4.07 10.03
CA GLU A 570 16.83 -3.51 10.60
C GLU A 570 16.38 -2.26 9.86
N SER A 571 16.58 -2.22 8.55
CA SER A 571 16.17 -1.09 7.73
C SER A 571 15.07 -1.52 6.77
N SER A 572 14.08 -0.66 6.58
CA SER A 572 12.99 -0.98 5.66
C SER A 572 13.45 -0.99 4.20
N ARG A 573 14.39 -0.11 3.85
CA ARG A 573 14.86 -0.06 2.48
C ARG A 573 15.56 -1.34 2.08
N PHE A 574 16.26 -1.98 3.03
CA PHE A 574 16.90 -3.25 2.73
C PHE A 574 15.88 -4.32 2.40
N HIS A 575 14.80 -4.40 3.18
CA HIS A 575 13.74 -5.36 2.89
C HIS A 575 13.13 -5.10 1.53
N TYR A 576 12.89 -3.82 1.21
CA TYR A 576 12.33 -3.48 -0.09
C TYR A 576 13.26 -3.90 -1.23
N LEU A 577 14.56 -3.61 -1.10
CA LEU A 577 15.50 -3.97 -2.15
C LEU A 577 15.59 -5.48 -2.31
N VAL A 578 15.61 -6.21 -1.20
CA VAL A 578 15.70 -7.67 -1.29
C VAL A 578 14.45 -8.24 -1.96
N ARG A 579 13.28 -7.72 -1.61
CA ARG A 579 12.05 -8.25 -2.18
C ARG A 579 11.92 -7.91 -3.66
N TYR A 580 12.34 -6.71 -4.06
CA TYR A 580 12.08 -6.24 -5.41
C TYR A 580 13.29 -6.31 -6.35
N ASN A 581 14.51 -6.39 -5.82
CA ASN A 581 15.70 -6.44 -6.65
C ASN A 581 16.56 -7.64 -6.30
N ASN A 582 17.31 -8.12 -7.27
CA ASN A 582 18.25 -9.21 -7.05
C ASN A 582 19.49 -8.67 -6.35
N PRO A 583 19.84 -9.18 -5.17
CA PRO A 583 21.07 -8.70 -4.50
C PRO A 583 22.34 -9.07 -5.22
N HIS A 584 22.28 -9.99 -6.19
CA HIS A 584 23.46 -10.29 -7.00
C HIS A 584 23.93 -9.07 -7.78
N LYS A 585 23.00 -8.33 -8.37
CA LYS A 585 23.30 -7.27 -9.33
C LYS A 585 22.56 -5.99 -8.98
N THR A 586 22.63 -5.58 -7.72
CA THR A 586 22.02 -4.33 -7.30
C THR A 586 22.99 -3.16 -7.32
N ARG A 587 24.30 -3.43 -7.24
CA ARG A 587 25.29 -2.37 -7.23
C ARG A 587 25.34 -1.59 -8.54
N THR A 588 24.83 -2.15 -9.63
CA THR A 588 24.92 -1.50 -10.93
C THR A 588 24.02 -0.28 -11.05
N LEU A 589 23.10 -0.07 -10.10
CA LEU A 589 22.25 1.10 -10.16
C LEU A 589 23.01 2.39 -9.84
N VAL A 590 24.09 2.28 -9.07
CA VAL A 590 24.78 3.47 -8.57
C VAL A 590 26.15 3.62 -9.21
N LYS A 591 26.30 3.14 -10.45
CA LYS A 591 27.54 3.29 -11.19
C LYS A 591 27.46 4.32 -12.31
N ASN A 592 26.27 4.66 -12.78
CA ASN A 592 26.10 5.71 -13.76
C ASN A 592 26.01 7.05 -13.05
N PRO A 593 26.92 8.00 -13.29
CA PRO A 593 26.89 9.26 -12.54
C PRO A 593 25.62 10.06 -12.70
N ASN A 594 25.00 10.03 -13.89
CA ASN A 594 23.83 10.87 -14.13
C ASN A 594 22.62 10.39 -13.33
N VAL A 595 22.44 9.07 -13.22
CA VAL A 595 21.33 8.54 -12.43
C VAL A 595 21.48 8.96 -10.97
N VAL A 596 22.68 8.80 -10.41
CA VAL A 596 22.92 9.17 -9.02
C VAL A 596 22.73 10.66 -8.82
N LYS A 597 23.21 11.47 -9.77
CA LYS A 597 23.07 12.91 -9.65
C LYS A 597 21.60 13.34 -9.68
N PHE A 598 20.81 12.75 -10.57
CA PHE A 598 19.39 13.06 -10.60
C PHE A 598 18.70 12.65 -9.30
N VAL A 599 19.01 11.45 -8.80
CA VAL A 599 18.38 10.98 -7.56
C VAL A 599 18.72 11.91 -6.41
N LEU A 600 19.98 12.32 -6.30
CA LEU A 600 20.36 13.24 -5.24
C LEU A 600 19.72 14.62 -5.43
N GLU A 601 19.56 15.05 -6.69
CA GLU A 601 18.89 16.32 -6.95
C GLU A 601 17.45 16.28 -6.49
N GLY A 602 16.82 15.10 -6.50
CA GLY A 602 15.46 15.00 -6.02
C GLY A 602 15.32 15.38 -4.56
N ILE A 603 16.29 15.00 -3.73
CA ILE A 603 16.20 15.19 -2.28
C ILE A 603 16.18 16.68 -1.98
N PRO A 604 15.41 17.14 -0.99
CA PRO A 604 15.38 18.57 -0.65
C PRO A 604 16.74 19.10 -0.24
N GLU A 605 16.82 20.42 -0.11
CA GLU A 605 18.11 21.07 0.07
C GLU A 605 18.69 20.84 1.46
N THR A 606 17.85 20.88 2.49
CA THR A 606 18.36 20.81 3.86
C THR A 606 19.03 19.47 4.14
N GLN A 607 18.42 18.37 3.71
CA GLN A 607 19.02 17.06 3.93
C GLN A 607 20.32 16.92 3.15
N ILE A 608 20.37 17.45 1.93
CA ILE A 608 21.60 17.40 1.14
C ILE A 608 22.71 18.17 1.83
N LYS A 609 22.39 19.35 2.37
CA LYS A 609 23.38 20.12 3.10
C LYS A 609 23.87 19.38 4.34
N ARG A 610 22.95 18.77 5.08
CA ARG A 610 23.35 18.03 6.28
C ARG A 610 24.25 16.86 5.93
N TYR A 611 23.90 16.12 4.88
CA TYR A 611 24.72 14.99 4.46
C TYR A 611 26.11 15.45 4.01
N PHE A 612 26.17 16.55 3.27
CA PHE A 612 27.47 17.06 2.84
C PHE A 612 28.30 17.50 4.04
N ASP A 613 27.67 18.11 5.04
CA ASP A 613 28.41 18.50 6.23
C ASP A 613 28.94 17.29 6.99
N VAL A 614 28.12 16.24 7.12
CA VAL A 614 28.54 15.06 7.86
C VAL A 614 29.55 14.24 7.07
N CYS A 615 29.26 13.99 5.80
CA CYS A 615 30.06 13.10 4.95
C CYS A 615 31.20 13.85 4.24
N LYS A 616 31.55 15.05 4.73
CA LYS A 616 32.50 15.89 4.02
C LYS A 616 33.89 15.25 3.96
N GLY A 617 34.41 14.84 5.10
CA GLY A 617 35.80 14.40 5.17
C GLY A 617 36.70 15.49 5.72
N GLN A 618 37.98 15.47 5.35
CA GLN A 618 38.93 16.45 5.84
C GLN A 618 39.76 17.12 4.76
N GLU A 619 39.61 16.73 3.50
CA GLU A 619 40.47 17.21 2.42
C GLU A 619 39.75 18.15 1.46
N ILE A 620 38.55 18.61 1.79
CA ILE A 620 37.80 19.50 0.91
C ILE A 620 37.30 20.69 1.71
N PRO A 621 37.13 21.86 1.09
CA PRO A 621 36.69 23.04 1.84
C PRO A 621 35.18 23.14 1.88
N PRO A 622 34.62 23.85 2.85
CA PRO A 622 33.17 24.05 2.88
C PRO A 622 32.70 24.85 1.68
N THR A 623 31.49 24.52 1.21
CA THR A 623 30.89 25.17 0.06
C THR A 623 29.39 25.28 0.26
N SER A 624 28.81 26.38 -0.20
CA SER A 624 27.39 26.66 -0.04
C SER A 624 26.57 26.43 -1.30
N ASP A 625 27.18 25.92 -2.37
CA ASP A 625 26.48 25.72 -3.63
C ASP A 625 25.90 24.31 -3.69
N LYS A 626 24.65 24.22 -4.16
CA LYS A 626 23.97 22.93 -4.22
C LYS A 626 24.65 21.98 -5.21
N SER A 627 25.06 22.50 -6.38
CA SER A 627 25.66 21.65 -7.39
C SER A 627 26.97 21.03 -6.91
N ALA A 628 27.79 21.82 -6.22
CA ALA A 628 29.05 21.28 -5.69
C ALA A 628 28.79 20.18 -4.67
N GLN A 629 27.78 20.37 -3.81
CA GLN A 629 27.42 19.33 -2.86
C GLN A 629 26.98 18.06 -3.58
N ILE A 630 26.16 18.20 -4.62
CA ILE A 630 25.70 17.03 -5.36
C ILE A 630 26.88 16.29 -5.98
N ASP A 631 27.83 17.04 -6.56
CA ASP A 631 28.98 16.42 -7.18
C ASP A 631 29.82 15.65 -6.17
N VAL A 632 30.10 16.27 -5.02
CA VAL A 632 30.94 15.60 -4.01
C VAL A 632 30.24 14.37 -3.46
N LEU A 633 28.94 14.47 -3.16
CA LEU A 633 28.22 13.30 -2.66
C LEU A 633 28.16 12.19 -3.70
N ALA A 634 27.98 12.53 -4.97
CA ALA A 634 27.99 11.49 -6.00
C ALA A 634 29.34 10.79 -6.06
N ARG A 635 30.42 11.56 -5.97
CA ARG A 635 31.75 10.96 -5.96
C ARG A 635 31.93 10.02 -4.77
N ILE A 636 31.45 10.42 -3.60
CA ILE A 636 31.60 9.57 -2.41
C ILE A 636 30.76 8.30 -2.55
N ILE A 637 29.51 8.43 -3.01
CA ILE A 637 28.64 7.26 -3.15
C ILE A 637 29.18 6.30 -4.20
N SER A 638 29.93 6.82 -5.19
CA SER A 638 30.37 5.96 -6.29
C SER A 638 31.23 4.81 -5.79
N SER A 639 32.09 5.05 -4.80
CA SER A 639 33.04 4.04 -4.32
C SER A 639 32.78 3.77 -2.85
N VAL A 640 31.87 2.85 -2.57
CA VAL A 640 31.57 2.42 -1.21
C VAL A 640 31.65 0.91 -1.16
N ASP A 641 32.36 0.38 -0.18
CA ASP A 641 32.57 -1.06 -0.08
C ASP A 641 32.69 -1.45 1.39
N TYR A 642 32.51 -2.75 1.64
CA TYR A 642 32.55 -3.25 3.01
C TYR A 642 33.97 -3.29 3.57
N LYS A 643 34.98 -3.12 2.73
CA LYS A 643 36.35 -3.06 3.23
C LYS A 643 36.59 -1.84 4.11
N ILE A 644 35.94 -0.71 3.78
CA ILE A 644 36.05 0.48 4.62
C ILE A 644 35.44 0.21 5.99
N PHE A 645 34.34 -0.54 6.05
CA PHE A 645 33.65 -0.79 7.29
C PHE A 645 34.30 -1.91 8.12
N GLU A 646 35.53 -2.28 7.83
CA GLU A 646 36.18 -3.38 8.53
C GLU A 646 36.92 -2.95 9.78
N ASP A 647 36.89 -1.66 10.12
CA ASP A 647 37.60 -1.19 11.31
C ASP A 647 36.77 -0.17 12.08
N VAL A 648 35.46 -0.36 12.15
CA VAL A 648 34.57 0.57 12.83
C VAL A 648 34.87 0.55 14.33
N PRO A 649 34.66 1.64 15.05
CA PRO A 649 34.87 1.63 16.50
C PRO A 649 34.01 0.58 17.18
N GLN A 650 34.56 -0.04 18.22
CA GLN A 650 33.87 -1.07 18.98
C GLN A 650 33.38 -0.49 20.29
N SER A 651 32.11 -0.76 20.61
CA SER A 651 31.47 -0.28 21.84
C SER A 651 31.58 1.23 21.99
N ASN A 662 37.05 10.56 23.57
CA ASN A 662 37.41 10.14 22.22
C ASN A 662 36.29 10.44 21.24
N PHE A 663 36.19 11.70 20.82
CA PHE A 663 35.15 12.10 19.88
C PHE A 663 35.46 11.67 18.44
N SER A 664 36.69 11.27 18.16
CA SER A 664 37.04 10.81 16.83
C SER A 664 36.24 9.56 16.46
N ASP A 665 36.10 8.63 17.40
CA ASP A 665 35.33 7.42 17.14
C ASP A 665 33.87 7.75 16.86
N ALA A 666 33.29 8.67 17.63
CA ALA A 666 31.90 9.05 17.41
C ALA A 666 31.72 9.73 16.06
N LEU A 667 32.66 10.61 15.69
CA LEU A 667 32.56 11.27 14.39
C LEU A 667 32.66 10.27 13.25
N LYS A 668 33.58 9.32 13.35
CA LYS A 668 33.72 8.30 12.32
C LYS A 668 32.47 7.44 12.23
N LYS A 669 31.88 7.09 13.37
CA LYS A 669 30.64 6.31 13.37
C LYS A 669 29.51 7.08 12.71
N GLN A 670 29.40 8.38 13.00
CA GLN A 670 28.36 9.19 12.38
C GLN A 670 28.54 9.25 10.87
N ARG A 671 29.79 9.43 10.41
CA ARG A 671 30.04 9.47 8.99
C ARG A 671 29.67 8.15 8.32
N TYR A 672 30.02 7.03 8.96
CA TYR A 672 29.69 5.72 8.38
C TYR A 672 28.18 5.51 8.32
N GLN A 673 27.46 5.91 9.37
CA GLN A 673 26.01 5.79 9.35
C GLN A 673 25.41 6.62 8.22
N ALA A 674 25.90 7.84 8.03
CA ALA A 674 25.39 8.67 6.94
C ALA A 674 25.63 8.03 5.58
N ILE A 675 26.83 7.48 5.37
CA ILE A 675 27.14 6.85 4.09
C ILE A 675 26.20 5.68 3.83
N VAL A 676 26.03 4.80 4.83
CA VAL A 676 25.25 3.60 4.60
C VAL A 676 23.77 3.91 4.48
N SER A 677 23.30 5.01 5.08
CA SER A 677 21.92 5.42 4.86
C SER A 677 21.72 5.97 3.45
N LEU A 678 22.65 6.82 3.00
CA LEU A 678 22.51 7.47 1.70
C LEU A 678 22.51 6.44 0.58
N TYR A 679 23.38 5.43 0.68
CA TYR A 679 23.52 4.42 -0.37
C TYR A 679 22.20 3.69 -0.60
N LEU A 680 21.62 3.16 0.48
CA LEU A 680 20.37 2.43 0.37
C LEU A 680 19.22 3.34 -0.04
N THR A 681 19.22 4.59 0.42
CA THR A 681 18.17 5.50 -0.02
C THR A 681 18.22 5.71 -1.52
N VAL A 682 19.42 5.87 -2.08
CA VAL A 682 19.54 6.11 -3.51
C VAL A 682 19.02 4.91 -4.30
N MET A 683 19.35 3.69 -3.87
CA MET A 683 18.79 2.54 -4.59
C MET A 683 17.28 2.43 -4.44
N TYR A 684 16.78 2.64 -3.22
CA TYR A 684 15.37 2.42 -2.92
C TYR A 684 14.48 3.39 -3.69
N LEU A 685 14.91 4.64 -3.83
CA LEU A 685 14.10 5.61 -4.56
C LEU A 685 13.89 5.18 -6.00
N ILE A 686 14.96 4.73 -6.67
CA ILE A 686 14.86 4.31 -8.05
C ILE A 686 13.90 3.13 -8.18
N THR A 687 14.08 2.11 -7.33
CA THR A 687 13.23 0.93 -7.44
C THR A 687 11.77 1.28 -7.24
N LYS A 688 11.48 2.08 -6.19
CA LYS A 688 10.10 2.43 -5.88
C LYS A 688 9.46 3.23 -7.00
N ASN A 689 10.17 4.19 -7.56
CA ASN A 689 9.56 5.05 -8.58
C ASN A 689 9.32 4.29 -9.87
N LEU A 690 10.24 3.39 -10.25
CA LEU A 690 9.98 2.58 -11.43
C LEU A 690 8.76 1.69 -11.22
N VAL A 691 8.61 1.11 -10.03
CA VAL A 691 7.42 0.33 -9.73
C VAL A 691 6.16 1.18 -9.84
N TYR A 692 6.23 2.43 -9.37
CA TYR A 692 5.08 3.32 -9.43
C TYR A 692 4.63 3.56 -10.86
N VAL A 693 5.58 3.86 -11.76
CA VAL A 693 5.22 4.09 -13.15
C VAL A 693 4.62 2.83 -13.77
N ASN A 694 5.21 1.67 -13.47
CA ASN A 694 4.68 0.42 -14.03
C ASN A 694 3.26 0.17 -13.57
N SER A 695 2.95 0.48 -12.31
CA SER A 695 1.58 0.34 -11.82
C SER A 695 0.65 1.29 -12.56
N ARG A 696 1.11 2.51 -12.81
CA ARG A 696 0.29 3.47 -13.55
C ARG A 696 -0.07 2.95 -14.94
N TYR A 697 0.81 2.15 -15.55
CA TYR A 697 0.44 1.56 -16.84
C TYR A 697 -0.42 0.30 -16.69
N VAL A 698 -0.21 -0.45 -15.60
CA VAL A 698 -1.04 -1.63 -15.33
C VAL A 698 -2.51 -1.23 -15.22
N ILE A 699 -2.77 -0.08 -14.59
CA ILE A 699 -4.15 0.41 -14.49
C ILE A 699 -4.75 0.59 -15.88
N ALA A 700 -3.97 1.15 -16.81
CA ALA A 700 -4.48 1.40 -18.15
C ALA A 700 -4.82 0.10 -18.88
N PHE A 701 -3.95 -0.90 -18.80
CA PHE A 701 -4.31 -2.20 -19.40
C PHE A 701 -5.54 -2.82 -18.74
N HIS A 702 -5.67 -2.72 -17.42
CA HIS A 702 -6.85 -3.29 -16.78
C HIS A 702 -8.11 -2.59 -17.27
N CYS A 703 -8.08 -1.27 -17.38
CA CYS A 703 -9.24 -0.54 -17.87
C CYS A 703 -9.56 -0.89 -19.32
N LEU A 704 -8.54 -1.03 -20.16
CA LEU A 704 -8.77 -1.41 -21.55
C LEU A 704 -9.43 -2.78 -21.64
N GLU A 705 -8.94 -3.74 -20.86
CA GLU A 705 -9.55 -5.07 -20.88
C GLU A 705 -10.99 -5.02 -20.40
N ARG A 706 -11.26 -4.20 -19.38
CA ARG A 706 -12.63 -4.07 -18.89
C ARG A 706 -13.54 -3.49 -19.96
N ASP A 707 -13.13 -2.39 -20.60
CA ASP A 707 -14.01 -1.71 -21.55
C ASP A 707 -14.12 -2.44 -22.88
N ALA A 708 -13.20 -3.35 -23.19
CA ALA A 708 -13.35 -4.13 -24.41
C ALA A 708 -14.53 -5.08 -24.33
N PHE A 709 -14.87 -5.53 -23.11
CA PHE A 709 -15.96 -6.49 -22.95
C PHE A 709 -17.32 -5.83 -23.14
N LEU A 710 -17.51 -4.63 -22.57
CA LEU A 710 -18.82 -3.98 -22.62
C LEU A 710 -19.23 -3.67 -24.04
N HIS A 711 -18.31 -3.18 -24.86
CA HIS A 711 -18.65 -2.74 -26.20
C HIS A 711 -19.01 -3.89 -27.12
N GLY A 712 -18.70 -5.13 -26.75
CA GLY A 712 -18.96 -6.25 -27.61
C GLY A 712 -17.92 -6.52 -28.67
N VAL A 713 -16.77 -5.86 -28.60
CA VAL A 713 -15.69 -6.06 -29.55
C VAL A 713 -14.61 -6.89 -28.86
N THR A 714 -14.14 -7.92 -29.55
CA THR A 714 -13.11 -8.80 -29.02
C THR A 714 -11.78 -8.50 -29.68
N LEU A 715 -10.70 -8.77 -28.93
CA LEU A 715 -9.36 -8.52 -29.43
C LEU A 715 -8.86 -9.77 -30.13
N PRO A 716 -8.67 -9.74 -31.44
CA PRO A 716 -8.32 -10.98 -32.16
C PRO A 716 -6.85 -11.32 -32.06
N LYS A 717 -6.44 -12.35 -32.80
CA LYS A 717 -5.06 -12.80 -32.87
C LYS A 717 -4.57 -12.74 -34.31
N MET A 718 -3.26 -12.64 -34.46
CA MET A 718 -2.64 -12.70 -35.78
C MET A 718 -1.21 -13.18 -35.58
N ASN A 719 -0.91 -14.38 -36.07
CA ASN A 719 0.39 -15.01 -35.88
C ASN A 719 0.73 -15.11 -34.39
N LYS A 720 -0.24 -15.61 -33.62
CA LYS A 720 -0.15 -15.81 -32.18
C LYS A 720 0.02 -14.51 -31.41
N LYS A 721 -0.14 -13.36 -32.06
CA LYS A 721 0.02 -12.06 -31.44
C LYS A 721 -1.33 -11.38 -31.27
N ILE A 722 -1.54 -10.81 -30.09
CA ILE A 722 -2.80 -10.19 -29.72
C ILE A 722 -2.78 -8.76 -30.20
N VAL A 723 -3.80 -8.38 -30.97
CA VAL A 723 -3.93 -7.02 -31.47
C VAL A 723 -4.71 -6.22 -30.43
N TYR A 724 -4.02 -5.32 -29.74
CA TYR A 724 -4.65 -4.48 -28.74
C TYR A 724 -5.22 -3.19 -29.33
N SER A 725 -4.95 -2.92 -30.60
CA SER A 725 -5.41 -1.70 -31.26
C SER A 725 -6.79 -1.84 -31.85
N GLN A 726 -7.49 -2.95 -31.58
CA GLN A 726 -8.77 -3.17 -32.23
C GLN A 726 -9.86 -2.28 -31.65
N LEU A 727 -9.79 -1.96 -30.35
CA LEU A 727 -10.83 -1.14 -29.75
C LEU A 727 -10.79 0.29 -30.31
N THR A 728 -9.60 0.87 -30.43
CA THR A 728 -9.51 2.23 -30.95
C THR A 728 -9.94 2.29 -32.42
N THR A 729 -9.56 1.29 -33.21
CA THR A 729 -10.00 1.24 -34.60
C THR A 729 -11.51 1.08 -34.69
N HIS A 730 -12.08 0.22 -33.85
CA HIS A 730 -13.52 -0.01 -33.87
C HIS A 730 -14.27 1.25 -33.49
N LEU A 731 -13.80 1.98 -32.48
CA LEU A 731 -14.48 3.21 -32.09
C LEU A 731 -14.27 4.35 -33.08
N LEU A 732 -13.15 4.34 -33.82
CA LEU A 732 -13.00 5.34 -34.88
C LEU A 732 -13.84 5.01 -36.10
N THR A 733 -14.10 3.74 -36.36
CA THR A 733 -14.93 3.36 -37.50
C THR A 733 -16.34 3.01 -37.06
N LYS A 751 -8.73 17.98 -34.73
CA LYS A 751 -7.31 17.95 -34.40
C LYS A 751 -6.91 16.60 -33.81
N TRP A 752 -7.54 16.25 -32.70
CA TRP A 752 -7.24 14.99 -32.04
C TRP A 752 -7.55 13.81 -32.95
N TYR A 753 -8.62 13.92 -33.73
CA TYR A 753 -8.93 12.86 -34.69
C TYR A 753 -7.81 12.70 -35.71
N VAL A 754 -7.26 13.82 -36.20
CA VAL A 754 -6.16 13.75 -37.16
C VAL A 754 -4.95 13.10 -36.53
N LEU A 755 -4.61 13.50 -35.30
CA LEU A 755 -3.44 12.93 -34.63
C LEU A 755 -3.60 11.43 -34.43
N VAL A 756 -4.75 10.99 -33.92
CA VAL A 756 -4.95 9.57 -33.68
C VAL A 756 -4.96 8.78 -34.98
N LYS A 757 -5.60 9.31 -36.02
CA LYS A 757 -5.64 8.61 -37.29
C LYS A 757 -4.25 8.46 -37.89
N ASN A 758 -3.45 9.53 -37.83
CA ASN A 758 -2.08 9.44 -38.33
C ASN A 758 -1.26 8.45 -37.51
N ASN A 759 -1.45 8.43 -36.20
CA ASN A 759 -0.64 7.56 -35.35
C ASN A 759 -1.03 6.10 -35.49
N LEU A 760 -2.29 5.81 -35.86
CA LEU A 760 -2.72 4.43 -35.97
C LEU A 760 -1.98 3.66 -37.05
N GLN A 761 -1.44 4.35 -38.06
CA GLN A 761 -0.66 3.71 -39.11
C GLN A 761 0.82 3.59 -38.74
N ASN A 762 1.19 4.02 -37.54
CA ASN A 762 2.58 4.11 -37.12
C ASN A 762 2.87 3.17 -35.95
N SER A 763 2.28 1.98 -35.95
CA SER A 763 2.36 1.06 -34.83
C SER A 763 2.70 -0.34 -35.31
N ASP A 764 3.52 -1.04 -34.53
CA ASP A 764 3.84 -2.44 -34.75
C ASP A 764 3.09 -3.30 -33.75
N ILE A 765 2.45 -4.36 -34.23
CA ILE A 765 1.71 -5.24 -33.33
C ILE A 765 2.66 -5.94 -32.38
N THR A 766 3.84 -6.33 -32.86
CA THR A 766 4.82 -6.97 -32.00
C THR A 766 5.27 -6.04 -30.88
N ALA A 767 5.47 -4.76 -31.21
CA ALA A 767 5.88 -3.80 -30.19
C ALA A 767 4.82 -3.65 -29.11
N VAL A 768 3.54 -3.58 -29.49
CA VAL A 768 2.48 -3.41 -28.50
C VAL A 768 2.37 -4.67 -27.63
N SER A 769 2.46 -5.85 -28.24
CA SER A 769 2.38 -7.08 -27.45
C SER A 769 3.56 -7.18 -26.48
N SER A 770 4.76 -6.83 -26.93
CA SER A 770 5.91 -6.86 -26.02
C SER A 770 5.77 -5.84 -24.91
N PHE A 771 5.17 -4.68 -25.22
CA PHE A 771 4.89 -3.70 -24.18
C PHE A 771 3.93 -4.27 -23.14
N ALA A 772 2.90 -4.98 -23.60
CA ALA A 772 1.97 -5.60 -22.67
C ALA A 772 2.68 -6.60 -21.77
N ASN A 773 3.56 -7.42 -22.34
CA ASN A 773 4.31 -8.37 -21.53
C ASN A 773 5.19 -7.66 -20.50
N ILE A 774 5.86 -6.59 -20.93
CA ILE A 774 6.79 -5.88 -20.05
C ILE A 774 6.04 -5.26 -18.88
N VAL A 775 4.89 -4.63 -19.15
CA VAL A 775 4.10 -4.06 -18.08
C VAL A 775 3.56 -5.15 -17.16
N ALA A 776 3.19 -6.30 -17.71
CA ALA A 776 2.60 -7.34 -16.88
C ALA A 776 3.62 -7.97 -15.94
N ALA A 777 4.81 -8.29 -16.45
CA ALA A 777 5.81 -9.01 -15.66
C ALA A 777 6.76 -8.10 -14.90
N ILE A 778 6.60 -6.77 -15.02
CA ILE A 778 7.52 -5.80 -14.45
C ILE A 778 8.95 -6.19 -14.79
N SER A 779 9.27 -6.22 -16.08
CA SER A 779 10.61 -6.57 -16.52
C SER A 779 11.58 -5.41 -16.46
N VAL A 780 11.08 -4.19 -16.25
CA VAL A 780 11.97 -3.04 -16.10
C VAL A 780 12.81 -3.17 -14.84
N VAL A 781 12.19 -3.55 -13.72
CA VAL A 781 12.92 -3.69 -12.47
C VAL A 781 13.84 -4.90 -12.53
N ARG A 782 13.37 -6.01 -13.13
CA ARG A 782 14.20 -7.20 -13.20
C ARG A 782 15.39 -6.99 -14.12
N ASN A 783 15.16 -6.48 -15.33
CA ASN A 783 16.24 -6.23 -16.29
C ASN A 783 16.63 -4.76 -16.30
N SER A 784 17.14 -4.29 -15.16
CA SER A 784 17.73 -2.96 -15.07
C SER A 784 19.23 -3.02 -14.81
N ASN A 785 19.82 -4.21 -14.81
CA ASN A 785 21.24 -4.39 -14.58
C ASN A 785 22.02 -4.63 -15.87
N GLU A 786 21.37 -4.53 -17.02
CA GLU A 786 22.06 -4.66 -18.31
C GLU A 786 21.91 -3.44 -19.19
N TYR A 787 21.12 -2.44 -18.79
CA TYR A 787 20.84 -1.30 -19.65
C TYR A 787 21.04 0.06 -18.98
N ILE A 788 21.19 0.11 -17.65
CA ILE A 788 21.31 1.40 -16.96
C ILE A 788 22.71 1.97 -17.02
N SER A 789 23.66 1.24 -17.59
CA SER A 789 25.05 1.68 -17.66
C SER A 789 25.36 2.49 -18.91
N GLY A 790 24.36 2.86 -19.69
CA GLY A 790 24.59 3.61 -20.91
C GLY A 790 23.61 4.72 -21.17
N ILE A 791 23.07 5.35 -20.12
CA ILE A 791 22.05 6.38 -20.26
C ILE A 791 22.70 7.75 -20.09
N GLY A 792 22.32 8.68 -20.95
CA GLY A 792 23.01 9.95 -21.07
C GLY A 792 22.68 11.00 -20.02
N GLU A 793 21.45 11.49 -20.03
CA GLU A 793 21.04 12.53 -19.10
C GLU A 793 19.58 12.33 -18.73
N LEU A 794 19.24 12.75 -17.50
CA LEU A 794 17.92 12.50 -16.95
C LEU A 794 17.33 13.79 -16.37
N HIS A 795 16.01 13.87 -16.40
CA HIS A 795 15.30 14.88 -15.63
C HIS A 795 14.05 14.36 -14.93
N SER A 796 13.57 13.17 -15.27
CA SER A 796 12.39 12.59 -14.63
C SER A 796 12.43 11.08 -14.78
N TYR A 797 11.67 10.39 -13.92
CA TYR A 797 11.65 8.93 -13.97
C TYR A 797 10.89 8.40 -15.18
N PHE A 798 10.02 9.21 -15.77
CA PHE A 798 9.37 8.84 -17.03
C PHE A 798 10.40 8.53 -18.10
N GLU A 799 11.41 9.40 -18.24
CA GLU A 799 12.43 9.21 -19.26
C GLU A 799 13.21 7.92 -19.03
N LEU A 800 13.60 7.65 -17.79
CA LEU A 800 14.34 6.43 -17.50
C LEU A 800 13.51 5.20 -17.78
N TYR A 801 12.25 5.21 -17.37
CA TYR A 801 11.38 4.06 -17.60
C TYR A 801 11.25 3.76 -19.09
N HIS A 802 10.99 4.80 -19.88
CA HIS A 802 10.77 4.55 -21.30
C HIS A 802 12.06 4.23 -22.03
N TYR A 803 13.20 4.78 -21.59
CA TYR A 803 14.47 4.37 -22.17
C TYR A 803 14.73 2.89 -21.93
N LEU A 804 14.48 2.42 -20.71
CA LEU A 804 14.67 1.01 -20.42
C LEU A 804 13.78 0.15 -21.29
N VAL A 805 12.50 0.53 -21.42
CA VAL A 805 11.57 -0.25 -22.24
C VAL A 805 12.05 -0.31 -23.69
N GLN A 806 12.44 0.85 -24.24
CA GLN A 806 12.87 0.90 -25.63
C GLN A 806 14.15 0.08 -25.83
N SER A 807 15.07 0.11 -24.87
CA SER A 807 16.29 -0.66 -25.03
C SER A 807 16.02 -2.16 -25.00
N MET A 808 15.11 -2.61 -24.12
CA MET A 808 14.75 -4.02 -24.12
C MET A 808 14.14 -4.42 -25.45
N ILE A 809 13.23 -3.60 -25.98
CA ILE A 809 12.62 -3.92 -27.28
C ILE A 809 13.69 -3.94 -28.36
N ALA A 810 14.67 -3.03 -28.28
CA ALA A 810 15.71 -2.96 -29.29
C ALA A 810 16.57 -4.22 -29.30
N LYS A 811 17.11 -4.59 -28.15
CA LYS A 811 18.06 -5.70 -28.13
C LYS A 811 17.36 -7.04 -28.30
N ASN A 812 16.17 -7.19 -27.71
CA ASN A 812 15.46 -8.46 -27.84
C ASN A 812 14.88 -8.68 -29.23
N ASN A 813 14.95 -7.67 -30.11
CA ASN A 813 14.47 -7.77 -31.49
C ASN A 813 12.98 -8.11 -31.52
N TRP A 814 12.20 -7.38 -30.73
CA TRP A 814 10.74 -7.50 -30.74
C TRP A 814 10.13 -6.36 -31.55
N TYR A 815 10.45 -6.34 -32.85
CA TYR A 815 9.87 -5.34 -33.74
C TYR A 815 9.83 -5.92 -35.14
N ASP A 816 8.87 -5.44 -35.93
CA ASP A 816 8.61 -5.97 -37.26
C ASP A 816 8.76 -4.84 -38.28
N THR A 817 9.84 -4.89 -39.07
CA THR A 817 10.03 -3.92 -40.13
C THR A 817 9.28 -4.28 -41.40
N SER A 818 8.81 -5.53 -41.52
CA SER A 818 8.09 -5.93 -42.72
C SER A 818 6.75 -5.22 -42.85
N HIS A 819 5.99 -5.16 -41.75
CA HIS A 819 4.71 -4.45 -41.79
C HIS A 819 4.90 -2.97 -42.03
N GLN A 820 5.90 -2.37 -41.37
CA GLN A 820 6.24 -0.97 -41.64
C GLN A 820 7.72 -0.75 -41.39
N PRO A 821 8.43 -0.09 -42.30
CA PRO A 821 9.86 0.18 -42.10
C PRO A 821 10.16 1.45 -41.31
N LYS A 822 9.17 2.02 -40.62
CA LYS A 822 9.33 3.32 -39.99
C LYS A 822 9.90 3.22 -38.58
N THR A 823 9.81 2.07 -37.91
CA THR A 823 10.39 1.93 -36.59
C THR A 823 11.91 2.10 -36.61
N ALA A 824 12.53 1.97 -37.79
CA ALA A 824 13.98 2.10 -37.88
C ALA A 824 14.44 3.49 -37.45
N GLU A 825 13.67 4.53 -37.79
CA GLU A 825 14.10 5.87 -37.41
C GLU A 825 14.06 6.05 -35.89
N TYR A 826 13.04 5.49 -35.23
CA TYR A 826 13.00 5.59 -33.77
C TYR A 826 14.15 4.82 -33.13
N LEU A 827 14.44 3.62 -33.65
CA LEU A 827 15.57 2.87 -33.10
C LEU A 827 16.89 3.61 -33.32
N ASN A 828 17.06 4.24 -34.48
CA ASN A 828 18.27 5.00 -34.75
C ASN A 828 18.39 6.20 -33.80
N ASN A 829 17.28 6.90 -33.55
CA ASN A 829 17.32 8.02 -32.62
C ASN A 829 17.68 7.54 -31.21
N LEU A 830 17.10 6.41 -30.79
CA LEU A 830 17.46 5.84 -29.50
C LEU A 830 18.94 5.51 -29.43
N LYS A 831 19.49 4.97 -30.52
CA LYS A 831 20.92 4.61 -30.52
C LYS A 831 21.82 5.84 -30.45
N LYS A 832 21.50 6.88 -31.22
CA LYS A 832 22.44 8.00 -31.37
C LYS A 832 22.12 9.20 -30.49
N HIS A 833 21.11 9.14 -29.62
CA HIS A 833 20.96 10.15 -28.58
C HIS A 833 20.97 9.60 -27.16
N HIS A 834 20.92 8.28 -26.98
CA HIS A 834 21.01 7.65 -25.66
C HIS A 834 19.88 8.09 -24.74
N THR A 835 18.73 8.46 -25.32
CA THR A 835 17.56 8.83 -24.54
C THR A 835 16.33 8.49 -25.36
N TYR A 836 15.19 8.36 -24.69
CA TYR A 836 13.99 7.83 -25.31
C TYR A 836 13.46 8.75 -26.40
N CYS A 837 12.78 8.14 -27.37
CA CYS A 837 12.12 8.85 -28.45
C CYS A 837 10.64 9.01 -28.15
N LYS A 838 10.15 10.25 -28.17
CA LYS A 838 8.77 10.50 -27.80
C LYS A 838 7.79 9.92 -28.81
N ASP A 839 8.18 9.86 -30.09
CA ASP A 839 7.29 9.28 -31.09
C ASP A 839 7.05 7.80 -30.83
N PHE A 840 8.08 7.09 -30.36
CA PHE A 840 7.91 5.65 -30.12
C PHE A 840 6.93 5.38 -28.98
N VAL A 841 7.05 6.13 -27.88
CA VAL A 841 6.09 5.95 -26.79
C VAL A 841 4.71 6.41 -27.21
N LYS A 842 4.64 7.45 -28.04
CA LYS A 842 3.36 7.87 -28.59
C LYS A 842 2.78 6.82 -29.53
N ALA A 843 3.62 5.92 -30.05
CA ALA A 843 3.15 4.88 -30.96
C ALA A 843 2.69 3.63 -30.23
N TYR A 844 3.55 3.04 -29.40
CA TYR A 844 3.18 1.75 -28.82
C TYR A 844 2.16 1.87 -27.68
N CYS A 845 1.82 3.07 -27.25
CA CYS A 845 0.73 3.28 -26.31
C CYS A 845 -0.58 3.65 -27.01
N ILE A 846 -0.74 3.21 -28.26
CA ILE A 846 -1.92 3.51 -29.07
C ILE A 846 -3.19 2.78 -28.61
N PRO A 847 -3.13 1.57 -27.98
CA PRO A 847 -4.40 0.92 -27.61
C PRO A 847 -5.27 1.71 -26.64
N PHE A 848 -4.81 2.87 -26.19
CA PHE A 848 -5.56 3.75 -25.32
C PHE A 848 -6.26 4.87 -26.09
N GLY A 849 -6.61 4.63 -27.35
CA GLY A 849 -7.07 5.70 -28.21
C GLY A 849 -8.47 6.20 -27.92
N TYR A 850 -9.29 5.38 -27.26
CA TYR A 850 -10.69 5.75 -27.10
C TYR A 850 -10.91 6.85 -26.07
N VAL A 851 -9.94 7.10 -25.19
CA VAL A 851 -9.98 8.23 -24.27
C VAL A 851 -8.73 9.07 -24.50
N VAL A 852 -8.93 10.36 -24.75
CA VAL A 852 -7.85 11.26 -25.11
C VAL A 852 -7.07 11.75 -23.90
N PRO A 853 -7.70 12.17 -22.79
CA PRO A 853 -6.91 12.63 -21.65
C PRO A 853 -5.95 11.59 -21.11
N ARG A 854 -6.34 10.31 -21.08
CA ARG A 854 -5.43 9.27 -20.63
C ARG A 854 -4.24 9.13 -21.58
N TYR A 855 -4.50 9.22 -22.88
CA TYR A 855 -3.42 9.17 -23.87
C TYR A 855 -2.45 10.32 -23.67
N LYS A 856 -2.98 11.52 -23.46
CA LYS A 856 -2.12 12.68 -23.24
C LYS A 856 -1.30 12.52 -21.96
N ASN A 857 -1.92 12.01 -20.90
CA ASN A 857 -1.19 11.84 -19.64
C ASN A 857 -0.08 10.79 -19.77
N LEU A 858 -0.33 9.74 -20.54
CA LEU A 858 0.63 8.65 -20.67
C LEU A 858 1.56 8.81 -21.86
N THR A 859 1.49 9.92 -22.60
CA THR A 859 2.38 10.12 -23.74
C THR A 859 3.15 11.43 -23.72
N ILE A 860 2.88 12.33 -22.78
CA ILE A 860 3.60 13.60 -22.67
C ILE A 860 4.24 13.69 -21.29
N ASN A 861 5.53 14.01 -21.25
CA ASN A 861 6.26 14.00 -19.98
C ASN A 861 5.80 15.11 -19.06
N GLU A 862 5.55 16.31 -19.59
CA GLU A 862 5.15 17.43 -18.75
C GLU A 862 3.79 17.22 -18.10
N LEU A 863 2.90 16.45 -18.73
CA LEU A 863 1.57 16.20 -18.21
C LEU A 863 1.48 14.90 -17.42
N PHE A 864 2.57 14.14 -17.31
CA PHE A 864 2.53 12.92 -16.53
C PHE A 864 2.52 13.22 -15.04
N ASP A 865 3.39 14.12 -14.59
CA ASP A 865 3.48 14.44 -13.17
C ASP A 865 2.26 15.22 -12.71
N ARG A 866 1.82 16.19 -13.50
CA ARG A 866 0.67 17.02 -13.16
C ARG A 866 -0.64 16.25 -13.34
#